data_7KFL
#
_entry.id   7KFL
#
_cell.length_a   147.062
_cell.length_b   54.333
_cell.length_c   113.432
_cell.angle_alpha   90.000
_cell.angle_beta   96.600
_cell.angle_gamma   90.000
#
_symmetry.space_group_name_H-M   'C 1 2 1'
#
loop_
_entity.id
_entity.type
_entity.pdbx_description
1 polymer Myosin-17
2 water water
#
_entity_poly.entity_id   1
_entity_poly.type   'polypeptide(L)'
_entity_poly.pdbx_seq_one_letter_code
;QKHLNEKQQENQDLLVKCISQNLGYNGDKPVAACVIYKCLLHWRSFEVERTSVFDRIIQTIATAIEVPDNNEVLAYWLSN
SATLLLLLQRTLKATGAASLTPQRRRTTSASLFGRMSQGLRGSPQSAGLSFLNRQGLTKLDDLRQVEAKYPALLFKQQLT
AFLEKIYGMIRDNLKKEISPLLGLCIQAPRTSRASLVKGRAQANAVAQQALIAHWQSIRKSLNSYLNLMKANNAPPFLVR
KVFTQIFSFINVQLFNSLLLRRECCSFSNGEYVKAGLAELEQWCIEATDEYAGSAWDELRHIRQAVGFLVIHQKPKKTLD
EITRELCPVLSIQQLYRISTMYWDDKYGTHSVSSDVIANMRVMMTEDSNNAVSSSFLLDDDSSIPFTVEDISKSM
;
_entity_poly.pdbx_strand_id   A,B
#
# COMPACT_ATOMS: atom_id res chain seq x y z
N GLN A 1 26.84 47.12 -7.96
CA GLN A 1 27.60 46.12 -8.76
C GLN A 1 26.79 44.81 -8.85
N LYS A 2 27.18 43.91 -9.75
CA LYS A 2 26.45 42.67 -10.11
C LYS A 2 26.85 41.49 -9.20
N HIS A 3 27.13 41.73 -7.92
CA HIS A 3 27.39 40.67 -6.91
C HIS A 3 26.07 40.08 -6.41
N LEU A 4 24.94 40.62 -6.90
CA LEU A 4 23.56 40.12 -6.64
C LEU A 4 23.31 38.84 -7.45
N ASN A 5 23.83 38.78 -8.69
CA ASN A 5 23.65 37.64 -9.63
C ASN A 5 24.35 36.39 -9.09
N GLU A 6 25.42 36.57 -8.31
CA GLU A 6 26.19 35.47 -7.67
C GLU A 6 25.47 34.99 -6.41
N LYS A 7 24.93 35.93 -5.62
CA LYS A 7 24.18 35.62 -4.36
C LYS A 7 22.84 34.97 -4.74
N GLN A 8 22.24 35.39 -5.86
CA GLN A 8 20.95 34.84 -6.38
C GLN A 8 21.17 33.41 -6.90
N GLN A 9 22.26 33.15 -7.63
CA GLN A 9 22.60 31.78 -8.12
C GLN A 9 22.89 30.88 -6.92
N GLU A 10 23.65 31.37 -5.93
CA GLU A 10 23.98 30.63 -4.67
C GLU A 10 22.68 30.21 -3.99
N ASN A 11 21.73 31.14 -3.84
CA ASN A 11 20.42 30.94 -3.17
C ASN A 11 19.60 29.89 -3.93
N GLN A 12 19.59 29.97 -5.26
CA GLN A 12 18.85 29.03 -6.15
C GLN A 12 19.51 27.65 -6.08
N ASP A 13 20.85 27.59 -6.11
CA ASP A 13 21.65 26.34 -5.94
C ASP A 13 21.29 25.67 -4.62
N LEU A 14 21.04 26.46 -3.57
CA LEU A 14 20.68 26.00 -2.21
C LEU A 14 19.30 25.33 -2.22
N LEU A 15 18.29 26.02 -2.77
CA LEU A 15 16.88 25.53 -2.80
C LEU A 15 16.82 24.22 -3.60
N VAL A 16 17.47 24.17 -4.77
CA VAL A 16 17.54 22.96 -5.65
C VAL A 16 18.02 21.77 -4.82
N LYS A 17 19.04 21.97 -3.98
CA LYS A 17 19.68 20.91 -3.16
C LYS A 17 18.72 20.45 -2.05
N CYS A 18 17.91 21.36 -1.51
CA CYS A 18 16.89 21.07 -0.46
C CYS A 18 15.72 20.28 -1.05
N ILE A 19 15.19 20.70 -2.20
CA ILE A 19 13.98 20.10 -2.83
C ILE A 19 14.37 18.87 -3.67
N SER A 20 15.67 18.63 -3.86
CA SER A 20 16.22 17.39 -4.48
C SER A 20 16.17 16.23 -3.47
N GLN A 21 16.24 16.54 -2.17
CA GLN A 21 16.13 15.56 -1.06
C GLN A 21 14.66 15.31 -0.73
N ASN A 22 14.36 14.19 -0.07
CA ASN A 22 13.02 13.89 0.49
C ASN A 22 12.80 14.74 1.75
N LEU A 23 11.98 15.79 1.65
CA LEU A 23 11.61 16.66 2.80
C LEU A 23 10.33 16.11 3.46
N GLY A 24 9.77 15.01 2.93
CA GLY A 24 8.60 14.32 3.52
C GLY A 24 7.45 15.27 3.76
N TYR A 25 6.75 15.12 4.88
CA TYR A 25 5.47 15.82 5.20
C TYR A 25 5.49 16.27 6.66
N ASN A 26 4.75 17.34 6.96
CA ASN A 26 4.61 17.90 8.33
C ASN A 26 3.11 18.19 8.56
N GLY A 27 2.50 17.47 9.51
CA GLY A 27 1.04 17.31 9.58
C GLY A 27 0.56 16.45 8.43
N ASP A 28 -0.21 17.01 7.50
CA ASP A 28 -0.66 16.33 6.26
C ASP A 28 -0.26 17.18 5.05
N LYS A 29 0.77 18.03 5.20
CA LYS A 29 1.14 19.09 4.21
C LYS A 29 2.50 18.76 3.60
N PRO A 30 2.64 18.86 2.25
CA PRO A 30 3.92 18.62 1.58
C PRO A 30 4.91 19.75 1.93
N VAL A 31 6.13 19.39 2.34
CA VAL A 31 7.12 20.35 2.90
C VAL A 31 7.77 21.15 1.76
N ALA A 32 8.21 20.47 0.69
CA ALA A 32 8.99 21.09 -0.42
C ALA A 32 8.18 22.24 -1.05
N ALA A 33 6.87 22.05 -1.26
CA ALA A 33 5.95 23.07 -1.80
C ALA A 33 5.94 24.31 -0.88
N CYS A 34 5.91 24.09 0.43
CA CYS A 34 5.90 25.16 1.47
C CYS A 34 7.25 25.87 1.51
N VAL A 35 8.35 25.11 1.46
CA VAL A 35 9.74 25.65 1.43
C VAL A 35 9.93 26.49 0.17
N ILE A 36 9.54 25.97 -0.99
CA ILE A 36 9.62 26.66 -2.31
C ILE A 36 8.87 28.00 -2.21
N TYR A 37 7.59 27.95 -1.84
CA TYR A 37 6.66 29.11 -1.80
C TYR A 37 7.26 30.24 -0.94
N LYS A 38 7.78 29.90 0.24
CA LYS A 38 8.26 30.87 1.26
C LYS A 38 9.53 31.59 0.76
N CYS A 39 10.49 30.84 0.20
CA CYS A 39 11.70 31.38 -0.45
C CYS A 39 11.32 32.43 -1.50
N LEU A 40 10.41 32.07 -2.41
CA LEU A 40 9.93 32.94 -3.52
C LEU A 40 9.24 34.17 -2.93
N LEU A 41 8.52 34.00 -1.82
CA LEU A 41 7.81 35.09 -1.09
C LEU A 41 8.84 35.98 -0.39
N HIS A 42 9.85 35.37 0.24
CA HIS A 42 10.98 36.03 0.94
C HIS A 42 11.77 36.88 -0.05
N TRP A 43 12.22 36.28 -1.17
CA TRP A 43 13.07 36.92 -2.20
C TRP A 43 12.25 37.87 -3.09
N ARG A 44 10.91 37.79 -3.02
CA ARG A 44 9.96 38.56 -3.87
C ARG A 44 10.18 38.16 -5.33
N SER A 45 10.36 36.86 -5.59
CA SER A 45 10.65 36.26 -6.92
C SER A 45 9.41 36.34 -7.83
N PHE A 46 8.22 36.50 -7.25
CA PHE A 46 6.95 36.68 -7.99
C PHE A 46 6.91 38.09 -8.63
N GLU A 47 7.73 39.01 -8.13
CA GLU A 47 7.69 40.45 -8.51
C GLU A 47 8.91 40.86 -9.35
N VAL A 48 9.88 39.96 -9.59
CA VAL A 48 11.06 40.26 -10.45
C VAL A 48 10.68 40.03 -11.92
N GLU A 49 11.22 40.87 -12.82
CA GLU A 49 10.89 40.88 -14.28
C GLU A 49 11.64 39.74 -14.97
N ARG A 50 12.72 39.23 -14.38
CA ARG A 50 13.54 38.13 -14.94
C ARG A 50 14.25 37.39 -13.78
N THR A 51 14.30 36.06 -13.85
CA THR A 51 14.95 35.17 -12.83
C THR A 51 14.97 33.73 -13.33
N SER A 52 15.95 32.95 -12.88
CA SER A 52 16.17 31.52 -13.23
C SER A 52 15.53 30.58 -12.20
N VAL A 53 15.09 31.12 -11.06
CA VAL A 53 14.60 30.32 -9.89
C VAL A 53 13.49 29.37 -10.36
N PHE A 54 12.52 29.88 -11.14
CA PHE A 54 11.31 29.12 -11.59
C PHE A 54 11.75 27.97 -12.52
N ASP A 55 12.59 28.28 -13.51
CA ASP A 55 13.16 27.29 -14.47
C ASP A 55 13.81 26.14 -13.69
N ARG A 56 14.57 26.46 -12.64
CA ARG A 56 15.40 25.50 -11.88
C ARG A 56 14.52 24.60 -11.02
N ILE A 57 13.43 25.14 -10.46
CA ILE A 57 12.37 24.35 -9.77
C ILE A 57 11.81 23.34 -10.77
N ILE A 58 11.38 23.81 -11.95
CA ILE A 58 10.74 22.97 -13.01
C ILE A 58 11.73 21.87 -13.44
N GLN A 59 12.99 22.24 -13.70
CA GLN A 59 14.07 21.31 -14.13
C GLN A 59 14.27 20.21 -13.07
N THR A 60 14.24 20.59 -11.79
CA THR A 60 14.42 19.67 -10.63
C THR A 60 13.30 18.61 -10.65
N ILE A 61 12.04 19.05 -10.71
CA ILE A 61 10.84 18.16 -10.74
C ILE A 61 10.93 17.27 -12.00
N ALA A 62 11.26 17.87 -13.14
CA ALA A 62 11.41 17.18 -14.45
C ALA A 62 12.46 16.07 -14.34
N THR A 63 13.61 16.35 -13.72
CA THR A 63 14.76 15.40 -13.59
C THR A 63 14.41 14.29 -12.59
N ALA A 64 13.53 14.58 -11.63
CA ALA A 64 13.15 13.66 -10.53
C ALA A 64 12.20 12.56 -11.05
N ILE A 65 11.20 12.92 -11.86
CA ILE A 65 10.10 12.00 -12.29
C ILE A 65 10.54 11.16 -13.49
N GLU A 66 11.52 11.63 -14.28
CA GLU A 66 11.91 10.99 -15.58
C GLU A 66 13.01 9.95 -15.32
N VAL A 67 12.77 9.04 -14.38
CA VAL A 67 13.70 7.92 -14.00
C VAL A 67 12.89 6.62 -13.99
N PRO A 68 13.54 5.44 -14.07
CA PRO A 68 12.82 4.16 -14.07
C PRO A 68 12.25 3.82 -12.68
N ASP A 69 11.04 3.26 -12.65
CA ASP A 69 10.28 2.98 -11.40
C ASP A 69 10.14 4.30 -10.63
N ASN A 70 9.29 5.20 -11.16
CA ASN A 70 9.16 6.61 -10.73
C ASN A 70 7.88 6.79 -9.89
N ASN A 71 7.31 5.71 -9.37
CA ASN A 71 5.97 5.73 -8.71
C ASN A 71 6.03 6.57 -7.42
N GLU A 72 7.08 6.36 -6.61
CA GLU A 72 7.25 7.04 -5.29
C GLU A 72 7.52 8.53 -5.53
N VAL A 73 8.43 8.85 -6.46
CA VAL A 73 8.83 10.24 -6.79
C VAL A 73 7.66 10.97 -7.49
N LEU A 74 6.83 10.25 -8.24
CA LEU A 74 5.63 10.82 -8.93
C LEU A 74 4.55 11.17 -7.92
N ALA A 75 4.22 10.24 -7.00
CA ALA A 75 3.23 10.43 -5.93
C ALA A 75 3.65 11.61 -5.05
N TYR A 76 4.95 11.69 -4.76
CA TYR A 76 5.59 12.78 -3.96
C TYR A 76 5.35 14.13 -4.63
N TRP A 77 5.70 14.22 -5.92
CA TRP A 77 5.67 15.49 -6.71
C TRP A 77 4.24 15.84 -7.15
N LEU A 78 3.32 14.87 -7.17
CA LEU A 78 1.87 15.14 -7.36
C LEU A 78 1.36 15.94 -6.16
N SER A 79 1.59 15.42 -4.94
CA SER A 79 1.14 16.03 -3.66
C SER A 79 1.74 17.43 -3.50
N ASN A 80 3.03 17.60 -3.84
CA ASN A 80 3.77 18.88 -3.71
C ASN A 80 3.29 19.88 -4.76
N SER A 81 3.20 19.48 -6.02
CA SER A 81 2.76 20.34 -7.16
C SER A 81 1.35 20.88 -6.89
N ALA A 82 0.44 20.01 -6.45
CA ALA A 82 -0.97 20.35 -6.14
C ALA A 82 -1.00 21.45 -5.07
N THR A 83 -0.23 21.30 -3.99
CA THR A 83 -0.18 22.26 -2.85
C THR A 83 0.47 23.56 -3.30
N LEU A 84 1.57 23.50 -4.08
CA LEU A 84 2.28 24.71 -4.57
C LEU A 84 1.34 25.51 -5.50
N LEU A 85 0.66 24.83 -6.43
CA LEU A 85 -0.29 25.46 -7.40
C LEU A 85 -1.47 26.08 -6.64
N LEU A 86 -1.94 25.42 -5.57
CA LEU A 86 -3.03 25.93 -4.70
C LEU A 86 -2.62 27.28 -4.10
N LEU A 87 -1.37 27.39 -3.62
CA LEU A 87 -0.80 28.63 -3.04
C LEU A 87 -0.67 29.69 -4.14
N LEU A 88 -0.08 29.33 -5.28
CA LEU A 88 0.10 30.21 -6.47
C LEU A 88 -1.26 30.72 -6.95
N GLN A 89 -2.27 29.83 -6.99
CA GLN A 89 -3.65 30.14 -7.47
C GLN A 89 -4.28 31.24 -6.61
N ARG A 90 -4.01 31.24 -5.30
CA ARG A 90 -4.62 32.16 -4.31
C ARG A 90 -3.71 33.37 -4.07
N THR A 91 -2.54 33.43 -4.71
CA THR A 91 -1.49 34.47 -4.48
C THR A 91 -1.34 35.36 -5.72
N LEU A 92 -0.86 34.79 -6.84
CA LEU A 92 -0.47 35.54 -8.08
C LEU A 92 -1.70 36.23 -8.67
N LYS A 93 -1.68 37.58 -8.72
CA LYS A 93 -2.62 38.41 -9.51
C LYS A 93 -2.04 38.57 -10.92
N ALA A 94 -2.86 38.37 -11.96
CA ALA A 94 -2.46 38.41 -13.38
C ALA A 94 -2.14 39.85 -13.80
N THR A 95 -1.11 40.03 -14.63
CA THR A 95 -0.65 41.35 -15.17
C THR A 95 -0.40 41.22 -16.68
N GLY A 96 -0.41 42.35 -17.38
CA GLY A 96 -0.16 42.44 -18.83
C GLY A 96 -1.31 41.88 -19.63
N ALA A 97 -1.03 41.00 -20.60
CA ALA A 97 -1.99 40.41 -21.56
C ALA A 97 -3.22 39.89 -20.82
N ALA A 98 -3.04 39.12 -19.75
CA ALA A 98 -4.11 38.40 -19.01
C ALA A 98 -4.84 39.35 -18.05
N SER A 99 -5.45 40.41 -18.59
CA SER A 99 -6.26 41.41 -17.83
C SER A 99 -7.13 42.23 -18.79
N LEU A 129 19.73 30.36 3.54
CA LEU A 129 18.40 29.69 3.54
C LEU A 129 17.94 29.40 4.99
N SER A 130 18.56 30.03 5.99
CA SER A 130 18.35 29.77 7.44
C SER A 130 17.40 30.83 8.04
N PHE A 131 16.58 31.47 7.20
CA PHE A 131 15.50 32.41 7.59
C PHE A 131 14.21 31.64 7.89
N LEU A 132 14.15 30.37 7.48
CA LEU A 132 12.97 29.47 7.64
C LEU A 132 12.94 28.86 9.04
N ASN A 133 13.91 29.18 9.90
CA ASN A 133 14.05 28.62 11.27
C ASN A 133 13.24 29.47 12.28
N ARG A 134 12.57 30.53 11.80
CA ARG A 134 11.80 31.47 12.65
C ARG A 134 10.41 30.88 12.96
N GLN A 135 9.90 29.97 12.12
CA GLN A 135 8.58 29.31 12.30
C GLN A 135 8.59 27.92 11.65
N GLY A 136 7.51 27.16 11.86
CA GLY A 136 7.28 25.83 11.24
C GLY A 136 7.12 25.95 9.74
N LEU A 137 7.72 25.01 8.99
CA LEU A 137 7.84 25.05 7.51
C LEU A 137 6.46 25.10 6.85
N THR A 138 5.49 24.33 7.37
CA THR A 138 4.14 24.15 6.78
C THR A 138 3.16 25.17 7.38
N LYS A 139 3.55 25.88 8.44
CA LYS A 139 2.80 27.04 9.01
C LYS A 139 3.19 28.29 8.22
N LEU A 140 2.27 28.83 7.42
CA LEU A 140 2.56 29.97 6.49
C LEU A 140 1.66 31.16 6.84
N ASP A 141 2.25 32.36 6.84
CA ASP A 141 1.55 33.67 7.06
C ASP A 141 0.37 33.73 6.10
N ASP A 142 -0.82 34.09 6.62
CA ASP A 142 -2.10 34.07 5.87
C ASP A 142 -1.86 34.69 4.49
N LEU A 143 -2.18 33.94 3.42
CA LEU A 143 -1.82 34.26 2.02
C LEU A 143 -2.25 35.68 1.68
N ARG A 144 -1.35 36.45 1.06
CA ARG A 144 -1.60 37.84 0.59
C ARG A 144 -1.25 37.93 -0.90
N GLN A 145 -2.12 38.57 -1.69
CA GLN A 145 -2.01 38.66 -3.17
C GLN A 145 -0.79 39.50 -3.54
N VAL A 146 -0.02 39.05 -4.54
CA VAL A 146 1.10 39.81 -5.16
C VAL A 146 0.83 39.89 -6.68
N GLU A 147 1.00 41.06 -7.28
CA GLU A 147 0.88 41.25 -8.75
C GLU A 147 2.09 40.58 -9.41
N ALA A 148 1.91 39.36 -9.89
CA ALA A 148 2.96 38.48 -10.45
C ALA A 148 3.47 39.07 -11.77
N LYS A 149 4.80 39.10 -11.95
CA LYS A 149 5.48 39.47 -13.21
C LYS A 149 5.53 38.24 -14.12
N TYR A 150 6.05 38.38 -15.35
CA TYR A 150 5.90 37.41 -16.45
C TYR A 150 6.61 36.09 -16.12
N PRO A 151 7.81 36.09 -15.50
CA PRO A 151 8.44 34.83 -15.11
C PRO A 151 7.56 33.95 -14.22
N ALA A 152 6.81 34.58 -13.30
CA ALA A 152 5.97 33.92 -12.27
C ALA A 152 4.70 33.34 -12.91
N LEU A 153 4.09 34.07 -13.85
CA LEU A 153 2.84 33.63 -14.55
C LEU A 153 3.15 32.44 -15.46
N LEU A 154 4.32 32.44 -16.10
CA LEU A 154 4.82 31.31 -16.94
C LEU A 154 5.03 30.08 -16.06
N PHE A 155 5.53 30.28 -14.83
CA PHE A 155 5.86 29.21 -13.86
C PHE A 155 4.57 28.48 -13.44
N LYS A 156 3.52 29.24 -13.10
CA LYS A 156 2.20 28.67 -12.73
C LYS A 156 1.69 27.79 -13.87
N GLN A 157 1.82 28.28 -15.11
CA GLN A 157 1.42 27.58 -16.36
C GLN A 157 2.28 26.33 -16.55
N GLN A 158 3.60 26.45 -16.38
CA GLN A 158 4.57 25.33 -16.53
C GLN A 158 4.33 24.29 -15.41
N LEU A 159 4.10 24.75 -14.18
CA LEU A 159 3.87 23.84 -13.01
C LEU A 159 2.52 23.12 -13.18
N THR A 160 1.49 23.81 -13.65
CA THR A 160 0.17 23.23 -14.03
C THR A 160 0.40 22.07 -15.01
N ALA A 161 1.15 22.32 -16.08
CA ALA A 161 1.46 21.33 -17.14
C ALA A 161 2.15 20.11 -16.54
N PHE A 162 3.01 20.30 -15.54
CA PHE A 162 3.78 19.20 -14.89
C PHE A 162 2.87 18.40 -13.94
N LEU A 163 1.93 19.05 -13.26
CA LEU A 163 0.90 18.35 -12.44
C LEU A 163 0.09 17.40 -13.33
N GLU A 164 -0.34 17.89 -14.50
CA GLU A 164 -1.14 17.11 -15.49
C GLU A 164 -0.29 15.95 -16.01
N LYS A 165 0.99 16.18 -16.30
CA LYS A 165 1.95 15.16 -16.78
C LYS A 165 2.14 14.08 -15.71
N ILE A 166 2.40 14.51 -14.46
CA ILE A 166 2.64 13.59 -13.30
C ILE A 166 1.37 12.76 -13.07
N TYR A 167 0.21 13.41 -12.91
CA TYR A 167 -1.11 12.76 -12.79
C TYR A 167 -1.27 11.70 -13.89
N GLY A 168 -0.98 12.08 -15.14
CA GLY A 168 -1.08 11.22 -16.32
C GLY A 168 -0.18 10.00 -16.22
N MET A 169 1.03 10.16 -15.69
CA MET A 169 2.07 9.09 -15.60
C MET A 169 1.71 8.08 -14.51
N ILE A 170 1.23 8.54 -13.36
CA ILE A 170 0.71 7.66 -12.25
C ILE A 170 -0.41 6.80 -12.83
N ARG A 171 -1.43 7.44 -13.41
CA ARG A 171 -2.62 6.77 -14.00
C ARG A 171 -2.18 5.76 -15.07
N ASP A 172 -1.33 6.17 -16.01
CA ASP A 172 -0.89 5.34 -17.15
C ASP A 172 -0.01 4.19 -16.64
N ASN A 173 0.84 4.43 -15.63
CA ASN A 173 1.68 3.38 -14.97
C ASN A 173 0.77 2.29 -14.37
N LEU A 174 -0.32 2.69 -13.73
CA LEU A 174 -1.32 1.77 -13.12
C LEU A 174 -2.04 0.99 -14.24
N LYS A 175 -2.42 1.68 -15.33
CA LYS A 175 -3.04 1.06 -16.54
C LYS A 175 -2.14 -0.04 -17.08
N LYS A 176 -0.83 0.22 -17.20
CA LYS A 176 0.19 -0.71 -17.76
C LYS A 176 0.33 -1.94 -16.84
N GLU A 177 0.13 -1.77 -15.53
CA GLU A 177 0.31 -2.84 -14.52
C GLU A 177 -0.89 -3.80 -14.53
N ILE A 178 -2.11 -3.29 -14.67
CA ILE A 178 -3.36 -4.10 -14.60
C ILE A 178 -3.81 -4.52 -16.02
N SER A 179 -3.12 -4.04 -17.06
CA SER A 179 -3.42 -4.39 -18.48
C SER A 179 -3.18 -5.88 -18.71
N PRO A 180 -2.02 -6.46 -18.33
CA PRO A 180 -1.78 -7.89 -18.50
C PRO A 180 -2.71 -8.79 -17.68
N LEU A 181 -3.18 -8.31 -16.52
CA LEU A 181 -4.09 -9.06 -15.61
C LEU A 181 -5.48 -9.16 -16.25
N LEU A 182 -5.98 -8.05 -16.82
CA LEU A 182 -7.23 -8.03 -17.63
C LEU A 182 -7.02 -8.91 -18.87
N GLY A 183 -5.82 -8.83 -19.46
CA GLY A 183 -5.36 -9.73 -20.55
C GLY A 183 -5.62 -11.19 -20.21
N LEU A 184 -5.35 -11.60 -18.96
CA LEU A 184 -5.51 -12.99 -18.48
C LEU A 184 -6.99 -13.25 -18.11
N CYS A 185 -7.70 -12.25 -17.58
CA CYS A 185 -9.16 -12.31 -17.30
C CYS A 185 -9.93 -12.60 -18.59
N ILE A 186 -9.57 -11.95 -19.69
CA ILE A 186 -10.27 -12.03 -21.01
C ILE A 186 -9.89 -13.34 -21.71
N GLN A 187 -8.75 -13.95 -21.35
CA GLN A 187 -8.27 -15.23 -21.93
C GLN A 187 -8.83 -16.43 -21.15
N ALA A 188 -9.63 -16.17 -20.09
CA ALA A 188 -10.19 -17.21 -19.19
C ALA A 188 -11.00 -18.24 -19.97
N PRO A 189 -11.85 -17.85 -20.95
CA PRO A 189 -12.54 -18.82 -21.80
C PRO A 189 -11.58 -19.74 -22.56
N ARG A 190 -10.52 -19.17 -23.13
CA ARG A 190 -9.50 -19.90 -23.93
C ARG A 190 -8.60 -20.72 -23.01
N THR A 191 -8.34 -20.23 -21.79
CA THR A 191 -7.52 -20.92 -20.75
C THR A 191 -8.25 -22.16 -20.23
N SER A 192 -9.59 -22.12 -20.20
CA SER A 192 -10.47 -23.26 -19.84
C SER A 192 -10.70 -24.16 -21.07
N ARG A 193 -9.60 -24.54 -21.75
CA ARG A 193 -9.58 -25.29 -23.04
C ARG A 193 -11.01 -25.62 -23.49
N ASN A 204 -11.95 -27.99 -14.11
CA ASN A 204 -12.28 -28.28 -12.68
C ASN A 204 -12.35 -26.96 -11.90
N ALA A 205 -12.82 -27.01 -10.65
CA ALA A 205 -13.08 -25.84 -9.77
C ALA A 205 -11.78 -25.13 -9.40
N VAL A 206 -10.65 -25.86 -9.35
CA VAL A 206 -9.31 -25.32 -8.99
C VAL A 206 -8.84 -24.38 -10.10
N ALA A 207 -8.88 -24.85 -11.35
CA ALA A 207 -8.49 -24.11 -12.58
C ALA A 207 -9.30 -22.81 -12.69
N GLN A 208 -10.61 -22.87 -12.39
CA GLN A 208 -11.52 -21.70 -12.43
C GLN A 208 -11.13 -20.70 -11.32
N GLN A 209 -10.77 -21.21 -10.14
CA GLN A 209 -10.38 -20.39 -8.95
C GLN A 209 -9.00 -19.75 -9.21
N ALA A 210 -8.13 -20.41 -9.97
CA ALA A 210 -6.80 -19.90 -10.38
C ALA A 210 -6.97 -18.66 -11.27
N LEU A 211 -8.06 -18.61 -12.04
CA LEU A 211 -8.41 -17.48 -12.95
C LEU A 211 -9.15 -16.38 -12.16
N ILE A 212 -9.86 -16.74 -11.09
CA ILE A 212 -10.51 -15.77 -10.16
C ILE A 212 -9.41 -14.96 -9.43
N ALA A 213 -8.24 -15.56 -9.22
CA ALA A 213 -7.07 -14.95 -8.53
C ALA A 213 -6.60 -13.69 -9.29
N HIS A 214 -6.81 -13.65 -10.60
CA HIS A 214 -6.42 -12.53 -11.48
C HIS A 214 -7.19 -11.26 -11.09
N TRP A 215 -8.48 -11.40 -10.73
CA TRP A 215 -9.31 -10.28 -10.21
C TRP A 215 -8.70 -9.77 -8.90
N GLN A 216 -8.21 -10.69 -8.06
CA GLN A 216 -7.57 -10.39 -6.76
C GLN A 216 -6.22 -9.69 -6.99
N SER A 217 -5.47 -10.09 -8.04
CA SER A 217 -4.19 -9.46 -8.43
C SER A 217 -4.40 -7.99 -8.76
N ILE A 218 -5.48 -7.67 -9.48
CA ILE A 218 -5.87 -6.29 -9.89
C ILE A 218 -6.19 -5.47 -8.63
N ARG A 219 -7.00 -6.03 -7.73
CA ARG A 219 -7.41 -5.40 -6.44
C ARG A 219 -6.17 -5.01 -5.62
N LYS A 220 -5.12 -5.84 -5.63
CA LYS A 220 -3.84 -5.59 -4.92
C LYS A 220 -3.14 -4.38 -5.53
N SER A 221 -3.01 -4.35 -6.86
CA SER A 221 -2.39 -3.24 -7.63
C SER A 221 -3.14 -1.93 -7.38
N LEU A 222 -4.47 -1.96 -7.35
CA LEU A 222 -5.30 -0.77 -7.03
C LEU A 222 -4.93 -0.24 -5.65
N ASN A 223 -4.83 -1.13 -4.65
CA ASN A 223 -4.55 -0.80 -3.22
C ASN A 223 -3.13 -0.25 -3.07
N SER A 224 -2.15 -0.83 -3.78
CA SER A 224 -0.74 -0.36 -3.80
C SER A 224 -0.70 1.14 -4.11
N TYR A 225 -1.29 1.53 -5.24
CA TYR A 225 -1.31 2.93 -5.75
C TYR A 225 -2.13 3.81 -4.80
N LEU A 226 -3.25 3.29 -4.30
CA LEU A 226 -4.10 4.00 -3.29
C LEU A 226 -3.24 4.34 -2.06
N ASN A 227 -2.54 3.35 -1.51
CA ASN A 227 -1.76 3.48 -0.24
C ASN A 227 -0.53 4.37 -0.47
N LEU A 228 0.06 4.31 -1.68
CA LEU A 228 1.24 5.11 -2.09
C LEU A 228 0.87 6.60 -2.16
N MET A 229 -0.37 6.91 -2.56
CA MET A 229 -0.87 8.29 -2.69
C MET A 229 -1.41 8.78 -1.35
N LYS A 230 -1.88 7.86 -0.49
CA LYS A 230 -2.33 8.16 0.89
C LYS A 230 -1.10 8.46 1.76
N ALA A 231 -0.01 7.70 1.56
CA ALA A 231 1.30 7.88 2.25
C ALA A 231 1.90 9.24 1.90
N ASN A 232 1.65 9.72 0.67
CA ASN A 232 2.16 11.02 0.13
C ASN A 232 1.08 12.10 0.28
N ASN A 233 0.02 11.83 1.06
CA ASN A 233 -1.06 12.78 1.38
C ASN A 233 -1.53 13.50 0.09
N ALA A 234 -1.69 12.73 -1.00
CA ALA A 234 -2.28 13.20 -2.27
C ALA A 234 -3.71 13.66 -1.98
N PRO A 235 -4.13 14.86 -2.44
CA PRO A 235 -5.46 15.37 -2.14
C PRO A 235 -6.53 14.40 -2.64
N PRO A 236 -7.44 13.91 -1.76
CA PRO A 236 -8.40 12.87 -2.13
C PRO A 236 -9.08 13.11 -3.49
N PHE A 237 -9.42 14.37 -3.79
CA PHE A 237 -10.05 14.83 -5.06
C PHE A 237 -9.28 14.29 -6.26
N LEU A 238 -7.95 14.48 -6.28
CA LEU A 238 -7.07 14.03 -7.38
C LEU A 238 -7.06 12.49 -7.45
N VAL A 239 -7.12 11.81 -6.30
CA VAL A 239 -7.10 10.33 -6.21
C VAL A 239 -8.43 9.78 -6.74
N ARG A 240 -9.54 10.44 -6.41
CA ARG A 240 -10.90 10.11 -6.93
C ARG A 240 -10.89 10.10 -8.46
N LYS A 241 -10.22 11.08 -9.09
CA LYS A 241 -10.12 11.18 -10.57
C LYS A 241 -9.38 9.96 -11.11
N VAL A 242 -8.18 9.68 -10.59
CA VAL A 242 -7.26 8.61 -11.09
C VAL A 242 -8.06 7.31 -11.21
N PHE A 243 -8.68 6.86 -10.10
CA PHE A 243 -9.34 5.54 -10.00
C PHE A 243 -10.60 5.52 -10.87
N THR A 244 -11.35 6.63 -10.93
CA THR A 244 -12.54 6.79 -11.81
C THR A 244 -12.11 6.60 -13.27
N GLN A 245 -10.99 7.21 -13.67
CA GLN A 245 -10.42 7.10 -15.04
C GLN A 245 -9.89 5.68 -15.27
N ILE A 246 -9.41 5.00 -14.23
CA ILE A 246 -8.84 3.62 -14.30
C ILE A 246 -9.98 2.60 -14.43
N PHE A 247 -11.08 2.79 -13.69
CA PHE A 247 -12.28 1.90 -13.75
C PHE A 247 -12.95 2.07 -15.12
N SER A 248 -12.94 3.28 -15.67
CA SER A 248 -13.28 3.60 -17.08
C SER A 248 -12.51 2.65 -18.01
N PHE A 249 -11.19 2.56 -17.85
CA PHE A 249 -10.29 1.67 -18.63
C PHE A 249 -10.72 0.20 -18.46
N ILE A 250 -10.98 -0.23 -17.23
CA ILE A 250 -11.40 -1.63 -16.91
C ILE A 250 -12.72 -1.91 -17.62
N ASN A 251 -13.69 -1.00 -17.48
CA ASN A 251 -15.05 -1.10 -18.08
C ASN A 251 -14.92 -1.32 -19.59
N VAL A 252 -14.02 -0.59 -20.23
CA VAL A 252 -13.77 -0.60 -21.71
C VAL A 252 -13.20 -1.96 -22.11
N GLN A 253 -12.12 -2.39 -21.45
CA GLN A 253 -11.38 -3.64 -21.78
C GLN A 253 -12.31 -4.86 -21.69
N LEU A 254 -13.12 -4.94 -20.64
CA LEU A 254 -14.02 -6.09 -20.37
C LEU A 254 -15.24 -6.05 -21.29
N PHE A 255 -15.87 -4.89 -21.44
CA PHE A 255 -17.10 -4.73 -22.27
C PHE A 255 -16.76 -4.94 -23.76
N ASN A 256 -15.60 -4.47 -24.21
CA ASN A 256 -15.18 -4.58 -25.62
C ASN A 256 -14.94 -6.05 -25.97
N SER A 257 -14.47 -6.87 -25.03
CA SER A 257 -14.16 -8.31 -25.23
C SER A 257 -15.47 -9.11 -25.42
N LEU A 258 -16.57 -8.66 -24.79
CA LEU A 258 -17.92 -9.26 -24.98
C LEU A 258 -18.37 -9.05 -26.44
N LEU A 259 -18.07 -7.87 -27.01
CA LEU A 259 -18.52 -7.48 -28.37
C LEU A 259 -17.68 -8.16 -29.45
N LEU A 260 -16.38 -8.39 -29.19
CA LEU A 260 -15.38 -8.77 -30.23
C LEU A 260 -14.93 -10.23 -30.09
N ARG A 261 -15.01 -10.82 -28.89
CA ARG A 261 -14.60 -12.23 -28.64
C ARG A 261 -15.86 -13.09 -28.44
N ARG A 262 -16.08 -14.03 -29.35
CA ARG A 262 -17.24 -14.98 -29.31
C ARG A 262 -17.21 -15.73 -27.98
N GLU A 263 -16.04 -16.28 -27.61
CA GLU A 263 -15.83 -17.14 -26.41
C GLU A 263 -16.16 -16.38 -25.12
N CYS A 264 -16.03 -15.05 -25.10
CA CYS A 264 -16.34 -14.19 -23.91
C CYS A 264 -17.85 -13.91 -23.82
N CYS A 265 -18.58 -14.13 -24.92
CA CYS A 265 -20.05 -13.88 -25.02
C CYS A 265 -20.80 -15.18 -24.70
N SER A 266 -20.60 -15.72 -23.50
CA SER A 266 -21.21 -16.98 -23.00
C SER A 266 -21.79 -16.76 -21.60
N PHE A 267 -22.59 -17.72 -21.13
CA PHE A 267 -23.19 -17.71 -19.77
C PHE A 267 -22.06 -17.89 -18.74
N SER A 268 -21.20 -18.89 -18.95
CA SER A 268 -20.09 -19.28 -18.03
C SER A 268 -19.13 -18.10 -17.85
N ASN A 269 -18.87 -17.34 -18.91
CA ASN A 269 -17.95 -16.16 -18.87
C ASN A 269 -18.67 -14.99 -18.19
N GLY A 270 -19.99 -14.92 -18.30
CA GLY A 270 -20.83 -13.95 -17.55
C GLY A 270 -20.67 -14.15 -16.06
N GLU A 271 -20.71 -15.40 -15.60
CA GLU A 271 -20.57 -15.80 -14.17
C GLU A 271 -19.17 -15.41 -13.68
N TYR A 272 -18.14 -15.75 -14.46
CA TYR A 272 -16.71 -15.52 -14.12
C TYR A 272 -16.44 -14.03 -13.92
N VAL A 273 -16.93 -13.19 -14.84
CA VAL A 273 -16.73 -11.71 -14.81
C VAL A 273 -17.53 -11.13 -13.63
N LYS A 274 -18.76 -11.62 -13.40
CA LYS A 274 -19.62 -11.17 -12.27
C LYS A 274 -18.86 -11.37 -10.94
N ALA A 275 -18.12 -12.48 -10.82
CA ALA A 275 -17.25 -12.80 -9.67
C ALA A 275 -16.18 -11.70 -9.54
N GLY A 276 -15.53 -11.36 -10.66
CA GLY A 276 -14.53 -10.29 -10.75
C GLY A 276 -15.07 -8.94 -10.30
N LEU A 277 -16.27 -8.58 -10.76
CA LEU A 277 -16.92 -7.27 -10.45
C LEU A 277 -17.17 -7.16 -8.95
N ALA A 278 -17.45 -8.27 -8.27
CA ALA A 278 -17.68 -8.35 -6.81
C ALA A 278 -16.39 -7.99 -6.06
N GLU A 279 -15.23 -8.44 -6.57
CA GLU A 279 -13.88 -8.09 -6.04
C GLU A 279 -13.66 -6.58 -6.15
N LEU A 280 -13.96 -5.99 -7.32
CA LEU A 280 -13.73 -4.55 -7.61
C LEU A 280 -14.73 -3.70 -6.82
N GLU A 281 -15.98 -4.17 -6.66
CA GLU A 281 -17.02 -3.51 -5.84
C GLU A 281 -16.51 -3.43 -4.39
N GLN A 282 -15.98 -4.55 -3.88
CA GLN A 282 -15.43 -4.67 -2.49
C GLN A 282 -14.31 -3.64 -2.29
N TRP A 283 -13.42 -3.51 -3.28
CA TRP A 283 -12.32 -2.52 -3.28
C TRP A 283 -12.88 -1.09 -3.16
N CYS A 284 -13.96 -0.79 -3.88
CA CYS A 284 -14.62 0.55 -3.89
C CYS A 284 -15.20 0.86 -2.51
N ILE A 285 -15.71 -0.16 -1.81
CA ILE A 285 -16.31 -0.04 -0.45
C ILE A 285 -15.20 0.19 0.58
N GLU A 286 -14.12 -0.60 0.49
CA GLU A 286 -12.94 -0.53 1.40
C GLU A 286 -12.25 0.82 1.23
N ALA A 287 -11.99 1.23 -0.02
CA ALA A 287 -11.36 2.52 -0.41
C ALA A 287 -12.23 3.69 0.07
N THR A 288 -13.55 3.51 0.05
CA THR A 288 -14.61 4.51 0.41
C THR A 288 -14.76 5.52 -0.74
N ASP A 289 -15.89 6.22 -0.78
CA ASP A 289 -16.25 7.19 -1.86
C ASP A 289 -15.24 8.35 -1.88
N GLU A 290 -14.58 8.64 -0.76
CA GLU A 290 -13.57 9.72 -0.62
C GLU A 290 -12.39 9.48 -1.57
N TYR A 291 -12.00 8.22 -1.79
CA TYR A 291 -10.82 7.82 -2.60
C TYR A 291 -11.24 7.06 -3.86
N ALA A 292 -12.41 6.43 -3.87
CA ALA A 292 -12.97 5.65 -5.01
C ALA A 292 -13.78 6.58 -5.93
N GLY A 293 -14.43 7.59 -5.37
CA GLY A 293 -15.30 8.54 -6.10
C GLY A 293 -16.53 7.82 -6.66
N SER A 294 -16.65 7.78 -7.99
CA SER A 294 -17.73 7.06 -8.73
C SER A 294 -17.12 5.98 -9.63
N ALA A 295 -16.02 5.37 -9.18
CA ALA A 295 -15.27 4.31 -9.90
C ALA A 295 -16.20 3.12 -10.19
N TRP A 296 -17.10 2.80 -9.25
CA TRP A 296 -18.05 1.66 -9.37
C TRP A 296 -19.03 1.92 -10.53
N ASP A 297 -19.53 3.16 -10.66
CA ASP A 297 -20.53 3.57 -11.68
C ASP A 297 -19.91 3.63 -13.07
N GLU A 298 -18.57 3.64 -13.18
CA GLU A 298 -17.85 3.61 -14.48
C GLU A 298 -17.95 2.22 -15.12
N LEU A 299 -18.25 1.18 -14.32
CA LEU A 299 -18.40 -0.22 -14.79
C LEU A 299 -19.86 -0.51 -15.20
N ARG A 300 -20.71 0.51 -15.26
CA ARG A 300 -22.17 0.38 -15.50
C ARG A 300 -22.43 -0.41 -16.80
N HIS A 301 -21.58 -0.27 -17.81
CA HIS A 301 -21.67 -1.01 -19.11
C HIS A 301 -21.45 -2.51 -18.86
N ILE A 302 -20.26 -2.88 -18.38
CA ILE A 302 -19.86 -4.31 -18.18
C ILE A 302 -20.81 -4.97 -17.17
N ARG A 303 -21.18 -4.26 -16.11
CA ARG A 303 -22.12 -4.76 -15.06
C ARG A 303 -23.44 -5.19 -15.71
N GLN A 304 -24.03 -4.31 -16.53
CA GLN A 304 -25.34 -4.52 -17.20
C GLN A 304 -25.21 -5.64 -18.24
N ALA A 305 -24.14 -5.60 -19.05
CA ALA A 305 -23.81 -6.62 -20.08
C ALA A 305 -23.68 -8.01 -19.43
N VAL A 306 -22.96 -8.09 -18.31
CA VAL A 306 -22.82 -9.34 -17.50
C VAL A 306 -24.18 -9.72 -16.92
N GLY A 307 -24.94 -8.73 -16.44
CA GLY A 307 -26.32 -8.89 -15.96
C GLY A 307 -27.20 -9.58 -17.00
N PHE A 308 -27.00 -9.24 -18.28
CA PHE A 308 -27.72 -9.85 -19.44
C PHE A 308 -27.26 -11.31 -19.61
N LEU A 309 -25.94 -11.54 -19.69
CA LEU A 309 -25.33 -12.87 -20.01
C LEU A 309 -25.79 -13.94 -19.02
N VAL A 310 -26.07 -13.57 -17.76
CA VAL A 310 -26.37 -14.54 -16.65
C VAL A 310 -27.88 -14.65 -16.41
N ILE A 311 -28.71 -13.78 -17.02
CA ILE A 311 -30.18 -13.76 -16.76
C ILE A 311 -30.77 -15.07 -17.29
N HIS A 312 -31.71 -15.66 -16.54
CA HIS A 312 -32.41 -16.92 -16.86
C HIS A 312 -33.57 -16.63 -17.82
N GLN A 313 -33.88 -17.58 -18.71
CA GLN A 313 -35.02 -17.53 -19.66
C GLN A 313 -34.96 -16.23 -20.47
N LYS A 314 -33.94 -16.11 -21.33
CA LYS A 314 -33.77 -14.97 -22.28
C LYS A 314 -34.88 -14.98 -23.33
N PRO A 315 -35.29 -16.17 -23.86
CA PRO A 315 -36.37 -16.24 -24.85
C PRO A 315 -37.70 -15.61 -24.40
N LYS A 316 -38.00 -15.63 -23.10
CA LYS A 316 -39.28 -15.14 -22.52
C LYS A 316 -39.26 -13.60 -22.37
N LYS A 317 -38.08 -12.97 -22.43
CA LYS A 317 -37.89 -11.52 -22.18
C LYS A 317 -38.37 -10.73 -23.42
N THR A 318 -39.01 -9.58 -23.18
CA THR A 318 -39.40 -8.59 -24.23
C THR A 318 -38.22 -7.65 -24.47
N LEU A 319 -38.18 -6.98 -25.63
CA LEU A 319 -37.11 -6.01 -26.01
C LEU A 319 -37.10 -4.85 -25.02
N ASP A 320 -38.29 -4.43 -24.55
CA ASP A 320 -38.47 -3.25 -23.66
C ASP A 320 -37.90 -3.56 -22.26
N GLU A 321 -38.09 -4.79 -21.76
CA GLU A 321 -37.49 -5.26 -20.48
C GLU A 321 -35.96 -5.15 -20.57
N ILE A 322 -35.36 -5.69 -21.62
CA ILE A 322 -33.88 -5.77 -21.83
C ILE A 322 -33.30 -4.34 -21.84
N THR A 323 -33.92 -3.43 -22.60
CA THR A 323 -33.36 -2.10 -22.94
C THR A 323 -33.59 -1.08 -21.81
N ARG A 324 -34.49 -1.34 -20.87
CA ARG A 324 -34.94 -0.32 -19.87
C ARG A 324 -34.92 -0.87 -18.43
N GLU A 325 -34.98 -2.19 -18.21
CA GLU A 325 -34.96 -2.80 -16.86
C GLU A 325 -33.60 -3.46 -16.59
N LEU A 326 -32.91 -3.94 -17.63
CA LEU A 326 -31.66 -4.74 -17.50
C LEU A 326 -30.44 -3.94 -17.97
N CYS A 327 -30.45 -3.39 -19.18
CA CYS A 327 -29.28 -2.77 -19.86
C CYS A 327 -29.61 -1.38 -20.39
N PRO A 328 -30.07 -0.43 -19.53
CA PRO A 328 -30.46 0.91 -19.99
C PRO A 328 -29.33 1.77 -20.56
N VAL A 329 -28.06 1.43 -20.28
CA VAL A 329 -26.85 2.20 -20.73
C VAL A 329 -26.37 1.65 -22.08
N LEU A 330 -26.65 0.38 -22.39
CA LEU A 330 -26.20 -0.28 -23.65
C LEU A 330 -27.03 0.23 -24.84
N SER A 331 -26.37 0.47 -25.97
CA SER A 331 -26.99 0.83 -27.27
C SER A 331 -27.61 -0.43 -27.91
N ILE A 332 -28.51 -0.24 -28.88
CA ILE A 332 -29.16 -1.34 -29.65
C ILE A 332 -28.08 -2.13 -30.39
N GLN A 333 -27.11 -1.45 -31.00
CA GLN A 333 -26.05 -2.08 -31.82
C GLN A 333 -25.19 -3.00 -30.93
N GLN A 334 -25.00 -2.62 -29.66
CA GLN A 334 -24.23 -3.41 -28.65
C GLN A 334 -25.03 -4.66 -28.28
N LEU A 335 -26.29 -4.48 -27.86
CA LEU A 335 -27.21 -5.59 -27.46
C LEU A 335 -27.29 -6.64 -28.58
N TYR A 336 -27.47 -6.18 -29.82
CA TYR A 336 -27.63 -7.05 -31.01
C TYR A 336 -26.43 -7.99 -31.13
N ARG A 337 -25.21 -7.44 -31.10
CA ARG A 337 -23.93 -8.21 -31.17
C ARG A 337 -23.92 -9.26 -30.05
N ILE A 338 -24.15 -8.83 -28.80
CA ILE A 338 -24.16 -9.71 -27.60
C ILE A 338 -25.23 -10.79 -27.78
N SER A 339 -26.42 -10.40 -28.22
CA SER A 339 -27.61 -11.29 -28.41
C SER A 339 -27.36 -12.33 -29.50
N THR A 340 -26.73 -11.95 -30.61
CA THR A 340 -26.54 -12.79 -31.81
C THR A 340 -25.29 -13.68 -31.67
N MET A 341 -24.31 -13.27 -30.84
CA MET A 341 -23.02 -13.98 -30.65
C MET A 341 -23.08 -14.88 -29.41
N TYR A 342 -24.11 -14.69 -28.56
CA TYR A 342 -24.34 -15.46 -27.31
C TYR A 342 -24.39 -16.96 -27.61
N TRP A 343 -23.74 -17.77 -26.77
CA TRP A 343 -23.72 -19.25 -26.83
C TRP A 343 -23.59 -19.81 -25.40
N ASP A 344 -23.74 -21.12 -25.21
CA ASP A 344 -23.79 -21.76 -23.88
C ASP A 344 -23.59 -23.27 -24.02
N ASP A 345 -22.37 -23.76 -23.75
CA ASP A 345 -22.01 -25.20 -23.74
C ASP A 345 -21.93 -25.70 -22.28
N LYS A 346 -22.58 -25.00 -21.35
CA LYS A 346 -22.58 -25.34 -19.90
C LYS A 346 -24.01 -25.67 -19.46
N TYR A 347 -24.95 -24.74 -19.65
CA TYR A 347 -26.38 -24.88 -19.27
C TYR A 347 -27.26 -25.12 -20.51
N GLY A 348 -26.73 -24.82 -21.72
CA GLY A 348 -27.45 -24.98 -22.99
C GLY A 348 -28.65 -24.06 -23.12
N THR A 349 -28.64 -22.91 -22.43
CA THR A 349 -29.69 -21.87 -22.49
C THR A 349 -29.55 -21.09 -23.80
N HIS A 350 -30.67 -20.61 -24.35
CA HIS A 350 -30.72 -19.88 -25.64
C HIS A 350 -30.67 -18.36 -25.39
N SER A 351 -30.53 -17.58 -26.46
CA SER A 351 -30.48 -16.10 -26.44
C SER A 351 -31.91 -15.53 -26.36
N VAL A 352 -32.06 -14.22 -26.61
CA VAL A 352 -33.38 -13.53 -26.73
C VAL A 352 -34.10 -14.05 -27.96
N SER A 353 -35.43 -13.91 -28.02
CA SER A 353 -36.31 -14.48 -29.08
C SER A 353 -35.97 -13.87 -30.44
N SER A 354 -36.26 -14.60 -31.52
CA SER A 354 -36.09 -14.17 -32.93
C SER A 354 -36.89 -12.89 -33.19
N ASP A 355 -38.06 -12.76 -32.55
CA ASP A 355 -38.95 -11.56 -32.62
C ASP A 355 -38.23 -10.35 -32.01
N VAL A 356 -37.48 -10.56 -30.93
CA VAL A 356 -36.68 -9.50 -30.23
C VAL A 356 -35.50 -9.10 -31.13
N ILE A 357 -34.80 -10.08 -31.73
CA ILE A 357 -33.65 -9.86 -32.65
C ILE A 357 -34.14 -9.15 -33.92
N ALA A 358 -35.38 -9.44 -34.36
CA ALA A 358 -36.02 -8.79 -35.52
C ALA A 358 -36.23 -7.30 -35.24
N ASN A 359 -36.71 -6.96 -34.03
CA ASN A 359 -37.03 -5.57 -33.60
C ASN A 359 -35.73 -4.78 -33.37
N MET A 360 -34.62 -5.46 -33.08
CA MET A 360 -33.28 -4.83 -32.93
C MET A 360 -32.73 -4.42 -34.31
N ARG A 361 -32.90 -5.29 -35.32
CA ARG A 361 -32.31 -5.13 -36.68
C ARG A 361 -32.96 -3.93 -37.38
N VAL A 362 -34.27 -3.73 -37.19
CA VAL A 362 -35.05 -2.60 -37.79
C VAL A 362 -34.59 -1.27 -37.16
N MET A 363 -34.40 -1.25 -35.84
CA MET A 363 -33.96 -0.05 -35.06
C MET A 363 -32.57 0.40 -35.56
N MET A 364 -31.71 -0.55 -35.94
CA MET A 364 -30.32 -0.29 -36.40
C MET A 364 -30.32 0.29 -37.82
N THR A 365 -31.29 -0.12 -38.66
CA THR A 365 -31.49 0.40 -40.04
C THR A 365 -32.16 1.78 -39.98
N GLU A 366 -33.07 1.98 -39.00
CA GLU A 366 -33.69 3.30 -38.68
C GLU A 366 -32.57 4.30 -38.38
N ASP A 367 -31.70 3.98 -37.42
CA ASP A 367 -30.56 4.83 -36.98
C ASP A 367 -29.58 5.01 -38.15
N SER A 368 -29.33 3.94 -38.93
CA SER A 368 -28.42 3.95 -40.11
C SER A 368 -28.92 4.92 -41.18
N ASN A 369 -30.25 4.98 -41.38
CA ASN A 369 -30.91 5.83 -42.41
C ASN A 369 -30.72 7.32 -42.09
N ASN A 370 -30.61 7.67 -40.80
CA ASN A 370 -30.48 9.06 -40.30
C ASN A 370 -29.00 9.44 -40.13
N ALA A 371 -28.08 8.56 -40.53
CA ALA A 371 -26.61 8.72 -40.41
C ALA A 371 -26.22 8.98 -38.95
N VAL A 372 -27.04 8.53 -38.00
CA VAL A 372 -26.84 8.72 -36.54
C VAL A 372 -25.80 7.71 -36.06
N SER A 373 -24.60 8.19 -35.70
CA SER A 373 -23.51 7.37 -35.12
C SER A 373 -23.96 6.83 -33.76
N SER A 374 -24.12 5.51 -33.64
CA SER A 374 -24.51 4.80 -32.40
C SER A 374 -23.26 4.22 -31.74
N SER A 375 -23.28 4.09 -30.41
CA SER A 375 -22.19 3.50 -29.59
C SER A 375 -22.08 2.01 -29.90
N PHE A 376 -20.87 1.52 -30.19
CA PHE A 376 -20.53 0.07 -30.25
C PHE A 376 -19.38 -0.19 -29.28
N LEU A 377 -18.13 -0.16 -29.76
CA LEU A 377 -16.92 -0.27 -28.90
C LEU A 377 -16.85 0.96 -27.99
N LEU A 378 -16.35 0.80 -26.77
CA LEU A 378 -16.15 1.90 -25.79
C LEU A 378 -14.71 2.40 -25.89
N ASP A 379 -14.48 3.64 -25.44
CA ASP A 379 -13.13 4.25 -25.29
C ASP A 379 -13.01 4.76 -23.85
N ASP A 380 -11.83 4.58 -23.25
CA ASP A 380 -11.54 5.03 -21.86
C ASP A 380 -11.38 6.55 -21.84
N ASP A 381 -11.31 7.12 -20.64
CA ASP A 381 -11.08 8.58 -20.40
C ASP A 381 -9.58 8.79 -20.16
N SER A 382 -8.85 9.28 -21.17
CA SER A 382 -7.40 9.61 -21.09
C SER A 382 -7.21 11.12 -21.02
N SER A 383 -8.30 11.88 -20.82
CA SER A 383 -8.30 13.35 -20.66
C SER A 383 -7.79 13.72 -19.27
N ILE A 384 -7.40 14.99 -19.08
CA ILE A 384 -7.16 15.61 -17.74
C ILE A 384 -8.52 16.04 -17.20
N PRO A 385 -9.05 15.39 -16.14
CA PRO A 385 -10.41 15.65 -15.68
C PRO A 385 -10.55 16.73 -14.60
N PHE A 386 -9.59 17.66 -14.52
CA PHE A 386 -9.53 18.72 -13.47
C PHE A 386 -8.83 19.97 -13.99
N THR A 387 -9.20 21.13 -13.44
CA THR A 387 -8.51 22.44 -13.59
C THR A 387 -7.93 22.83 -12.22
N VAL A 388 -6.95 23.75 -12.21
CA VAL A 388 -6.25 24.21 -10.98
C VAL A 388 -7.27 24.84 -10.03
N GLU A 389 -8.32 25.46 -10.58
CA GLU A 389 -9.44 26.09 -9.82
C GLU A 389 -10.25 25.01 -9.09
N ASP A 390 -10.52 23.88 -9.76
CA ASP A 390 -11.24 22.71 -9.17
C ASP A 390 -10.44 22.17 -7.98
N ILE A 391 -9.14 21.94 -8.18
CA ILE A 391 -8.19 21.42 -7.15
C ILE A 391 -8.27 22.34 -5.92
N SER A 392 -8.18 23.65 -6.13
CA SER A 392 -8.20 24.70 -5.07
C SER A 392 -9.59 24.79 -4.43
N LYS A 393 -10.66 24.64 -5.23
CA LYS A 393 -12.09 24.75 -4.77
C LYS A 393 -12.34 23.71 -3.66
N SER A 394 -11.86 22.48 -3.84
CA SER A 394 -11.83 21.42 -2.79
C SER A 394 -10.59 21.63 -1.91
N MET A 395 -10.64 21.17 -0.67
CA MET A 395 -9.53 21.27 0.34
C MET A 395 -9.24 22.75 0.62
N GLN B 8 -1.85 -44.18 -11.30
CA GLN B 8 -2.76 -43.81 -10.17
C GLN B 8 -2.10 -42.73 -9.29
N GLN B 9 -0.77 -42.60 -9.34
CA GLN B 9 0.00 -41.50 -8.67
C GLN B 9 -0.34 -40.17 -9.36
N GLU B 10 -0.83 -40.21 -10.60
CA GLU B 10 -1.11 -39.03 -11.47
C GLU B 10 -2.03 -38.03 -10.75
N ASN B 11 -2.86 -38.49 -9.81
CA ASN B 11 -3.75 -37.62 -8.98
C ASN B 11 -2.89 -36.72 -8.09
N GLN B 12 -1.77 -37.24 -7.57
CA GLN B 12 -0.82 -36.47 -6.70
C GLN B 12 0.03 -35.55 -7.58
N ASP B 13 0.29 -35.95 -8.84
CA ASP B 13 1.00 -35.13 -9.85
C ASP B 13 0.15 -33.89 -10.19
N LEU B 14 -1.16 -34.06 -10.33
CA LEU B 14 -2.13 -32.97 -10.68
C LEU B 14 -2.18 -31.95 -9.53
N LEU B 15 -2.08 -32.42 -8.28
CA LEU B 15 -2.12 -31.55 -7.07
C LEU B 15 -0.89 -30.63 -7.06
N VAL B 16 0.30 -31.16 -7.36
CA VAL B 16 1.58 -30.40 -7.42
C VAL B 16 1.44 -29.25 -8.42
N LYS B 17 0.75 -29.48 -9.55
CA LYS B 17 0.49 -28.44 -10.59
C LYS B 17 -0.44 -27.36 -10.04
N CYS B 18 -1.50 -27.77 -9.33
CA CYS B 18 -2.57 -26.88 -8.80
C CYS B 18 -1.99 -25.86 -7.80
N ILE B 19 -1.15 -26.32 -6.88
CA ILE B 19 -0.61 -25.50 -5.74
C ILE B 19 0.65 -24.75 -6.19
N SER B 20 1.27 -25.16 -7.30
CA SER B 20 2.46 -24.51 -7.91
C SER B 20 2.08 -23.15 -8.52
N GLN B 21 0.79 -22.93 -8.81
CA GLN B 21 0.26 -21.68 -9.41
C GLN B 21 -0.61 -20.95 -8.38
N ASN B 22 -0.92 -19.69 -8.65
CA ASN B 22 -1.63 -18.76 -7.72
C ASN B 22 -3.12 -19.08 -7.73
N LEU B 23 -3.61 -19.75 -6.68
CA LEU B 23 -5.04 -20.11 -6.51
C LEU B 23 -5.76 -19.05 -5.67
N GLY B 24 -5.04 -18.05 -5.15
CA GLY B 24 -5.62 -16.90 -4.43
C GLY B 24 -6.44 -17.34 -3.24
N TYR B 25 -7.58 -16.68 -3.00
CA TYR B 25 -8.40 -16.80 -1.76
C TYR B 25 -9.89 -16.87 -2.14
N ASN B 26 -10.73 -17.27 -1.17
CA ASN B 26 -12.19 -17.49 -1.33
C ASN B 26 -12.86 -17.22 0.01
N GLY B 27 -13.63 -16.13 0.11
CA GLY B 27 -14.22 -15.65 1.37
C GLY B 27 -13.13 -15.39 2.41
N ASP B 28 -11.96 -14.93 1.97
CA ASP B 28 -10.80 -14.57 2.82
C ASP B 28 -10.17 -15.84 3.41
N LYS B 29 -10.18 -16.95 2.66
CA LYS B 29 -9.61 -18.26 3.10
C LYS B 29 -8.61 -18.77 2.06
N PRO B 30 -7.39 -19.17 2.48
CA PRO B 30 -6.38 -19.74 1.58
C PRO B 30 -6.93 -20.97 0.82
N VAL B 31 -6.85 -20.95 -0.50
CA VAL B 31 -7.50 -21.97 -1.38
C VAL B 31 -6.61 -23.21 -1.47
N ALA B 32 -5.29 -23.04 -1.69
CA ALA B 32 -4.32 -24.16 -1.83
C ALA B 32 -4.35 -25.03 -0.58
N ALA B 33 -4.31 -24.40 0.61
CA ALA B 33 -4.37 -25.06 1.94
C ALA B 33 -5.61 -25.96 2.00
N CYS B 34 -6.77 -25.42 1.64
CA CYS B 34 -8.08 -26.13 1.64
C CYS B 34 -8.07 -27.24 0.59
N VAL B 35 -7.48 -26.99 -0.58
CA VAL B 35 -7.42 -27.98 -1.71
C VAL B 35 -6.52 -29.14 -1.29
N ILE B 36 -5.32 -28.87 -0.79
CA ILE B 36 -4.35 -29.91 -0.32
C ILE B 36 -5.06 -30.79 0.71
N TYR B 37 -5.63 -30.17 1.75
CA TYR B 37 -6.32 -30.86 2.88
C TYR B 37 -7.39 -31.81 2.33
N LYS B 38 -8.27 -31.30 1.47
CA LYS B 38 -9.44 -32.04 0.91
C LYS B 38 -8.95 -33.22 0.04
N CYS B 39 -7.80 -33.08 -0.62
CA CYS B 39 -7.17 -34.13 -1.47
C CYS B 39 -6.56 -35.23 -0.58
N LEU B 40 -5.79 -34.83 0.44
CA LEU B 40 -5.14 -35.76 1.42
C LEU B 40 -6.21 -36.55 2.17
N LEU B 41 -7.30 -35.86 2.57
CA LEU B 41 -8.46 -36.45 3.29
C LEU B 41 -9.13 -37.49 2.38
N HIS B 42 -9.26 -37.19 1.08
CA HIS B 42 -10.02 -37.99 0.09
C HIS B 42 -9.28 -39.29 -0.25
N TRP B 43 -7.95 -39.23 -0.40
CA TRP B 43 -7.11 -40.38 -0.83
C TRP B 43 -6.59 -41.16 0.38
N ARG B 44 -7.14 -40.91 1.58
CA ARG B 44 -6.79 -41.61 2.85
C ARG B 44 -5.28 -41.56 3.06
N SER B 45 -4.64 -40.45 2.70
CA SER B 45 -3.16 -40.25 2.76
C SER B 45 -2.71 -40.10 4.22
N PHE B 46 -3.62 -39.74 5.13
CA PHE B 46 -3.35 -39.63 6.59
C PHE B 46 -3.33 -41.01 7.23
N GLU B 47 -4.05 -41.98 6.65
CA GLU B 47 -4.23 -43.36 7.18
C GLU B 47 -3.31 -44.34 6.45
N VAL B 48 -2.44 -43.88 5.54
CA VAL B 48 -1.52 -44.74 4.74
C VAL B 48 -0.15 -44.79 5.44
N GLU B 49 0.52 -45.95 5.36
CA GLU B 49 1.82 -46.23 6.01
C GLU B 49 2.95 -45.56 5.22
N ARG B 50 2.92 -45.67 3.89
CA ARG B 50 4.00 -45.21 2.99
C ARG B 50 3.38 -44.44 1.81
N THR B 51 3.73 -43.16 1.65
CA THR B 51 3.29 -42.27 0.55
C THR B 51 4.27 -41.09 0.41
N SER B 52 4.46 -40.60 -0.82
CA SER B 52 5.38 -39.49 -1.16
C SER B 52 4.61 -38.18 -1.38
N VAL B 53 3.28 -38.20 -1.32
CA VAL B 53 2.40 -37.01 -1.51
C VAL B 53 2.87 -35.89 -0.57
N PHE B 54 3.17 -36.23 0.68
CA PHE B 54 3.61 -35.27 1.74
C PHE B 54 4.96 -34.65 1.35
N ASP B 55 5.91 -35.49 0.93
CA ASP B 55 7.30 -35.10 0.56
C ASP B 55 7.27 -34.09 -0.59
N ARG B 56 6.33 -34.24 -1.52
CA ARG B 56 6.21 -33.37 -2.73
C ARG B 56 5.57 -32.03 -2.37
N ILE B 57 4.55 -32.03 -1.50
CA ILE B 57 3.87 -30.79 -1.02
C ILE B 57 4.90 -29.88 -0.36
N ILE B 58 5.80 -30.45 0.46
CA ILE B 58 6.88 -29.72 1.18
C ILE B 58 7.94 -29.26 0.16
N GLN B 59 8.30 -30.13 -0.79
CA GLN B 59 9.26 -29.84 -1.89
C GLN B 59 8.71 -28.69 -2.74
N THR B 60 7.43 -28.75 -3.11
CA THR B 60 6.72 -27.71 -3.90
C THR B 60 6.88 -26.35 -3.21
N ILE B 61 6.49 -26.26 -1.93
CA ILE B 61 6.52 -25.01 -1.12
C ILE B 61 7.97 -24.53 -0.97
N ALA B 62 8.92 -25.46 -0.77
CA ALA B 62 10.35 -25.18 -0.52
C ALA B 62 10.97 -24.43 -1.70
N THR B 63 10.69 -24.86 -2.93
CA THR B 63 11.22 -24.26 -4.19
C THR B 63 10.42 -22.99 -4.54
N ALA B 64 9.19 -22.87 -4.04
CA ALA B 64 8.32 -21.68 -4.26
C ALA B 64 8.96 -20.45 -3.61
N ILE B 65 9.55 -20.61 -2.43
CA ILE B 65 10.06 -19.50 -1.57
C ILE B 65 11.60 -19.40 -1.67
N GLU B 66 12.23 -20.19 -2.55
CA GLU B 66 13.71 -20.20 -2.75
C GLU B 66 14.12 -19.05 -3.68
N VAL B 67 13.16 -18.37 -4.30
CA VAL B 67 13.41 -17.30 -5.34
C VAL B 67 13.97 -16.07 -4.64
N PRO B 68 14.88 -15.30 -5.31
CA PRO B 68 15.48 -14.10 -4.71
C PRO B 68 14.48 -13.08 -4.15
N ASP B 69 13.60 -12.53 -4.99
CA ASP B 69 12.54 -11.56 -4.59
C ASP B 69 11.24 -12.34 -4.35
N ASN B 70 10.75 -12.36 -3.10
CA ASN B 70 9.75 -13.38 -2.67
C ASN B 70 8.79 -12.87 -1.58
N ASN B 71 8.71 -11.57 -1.32
CA ASN B 71 7.81 -11.03 -0.26
C ASN B 71 6.36 -11.45 -0.57
N GLU B 72 5.94 -11.32 -1.84
CA GLU B 72 4.59 -11.69 -2.34
C GLU B 72 4.36 -13.20 -2.17
N VAL B 73 5.42 -14.01 -2.38
CA VAL B 73 5.36 -15.50 -2.41
C VAL B 73 5.31 -16.01 -0.96
N LEU B 74 6.16 -15.45 -0.09
CA LEU B 74 6.24 -15.80 1.35
C LEU B 74 4.89 -15.50 2.03
N ALA B 75 4.37 -14.29 1.82
CA ALA B 75 3.07 -13.82 2.36
C ALA B 75 1.97 -14.82 1.96
N TYR B 76 1.97 -15.23 0.68
CA TYR B 76 1.03 -16.23 0.11
C TYR B 76 1.11 -17.52 0.92
N TRP B 77 2.32 -18.07 1.07
CA TRP B 77 2.58 -19.38 1.74
C TRP B 77 2.48 -19.26 3.26
N LEU B 78 2.78 -18.09 3.84
CA LEU B 78 2.61 -17.83 5.29
C LEU B 78 1.14 -18.06 5.65
N SER B 79 0.22 -17.48 4.88
CA SER B 79 -1.25 -17.57 5.06
C SER B 79 -1.72 -19.00 4.77
N ASN B 80 -1.21 -19.62 3.70
CA ASN B 80 -1.60 -20.97 3.23
C ASN B 80 -1.14 -22.02 4.25
N SER B 81 0.16 -22.04 4.58
CA SER B 81 0.78 -23.02 5.50
C SER B 81 0.11 -22.93 6.88
N ALA B 82 -0.15 -21.71 7.36
CA ALA B 82 -0.80 -21.43 8.67
C ALA B 82 -2.20 -22.08 8.72
N THR B 83 -2.97 -21.98 7.64
CA THR B 83 -4.36 -22.52 7.56
C THR B 83 -4.31 -24.04 7.39
N LEU B 84 -3.40 -24.55 6.57
CA LEU B 84 -3.18 -26.02 6.38
C LEU B 84 -2.75 -26.63 7.72
N LEU B 85 -1.83 -25.97 8.44
CA LEU B 85 -1.28 -26.45 9.72
C LEU B 85 -2.37 -26.44 10.81
N LEU B 86 -3.24 -25.42 10.81
CA LEU B 86 -4.40 -25.33 11.72
C LEU B 86 -5.34 -26.52 11.48
N LEU B 87 -5.64 -26.82 10.21
CA LEU B 87 -6.53 -27.95 9.82
C LEU B 87 -5.97 -29.28 10.33
N LEU B 88 -4.66 -29.52 10.11
CA LEU B 88 -3.95 -30.76 10.56
C LEU B 88 -3.95 -30.84 12.09
N GLN B 89 -3.74 -29.71 12.77
CA GLN B 89 -3.62 -29.61 14.24
C GLN B 89 -4.94 -30.05 14.91
N ARG B 90 -6.09 -29.77 14.29
CA ARG B 90 -7.44 -30.00 14.87
C ARG B 90 -8.02 -31.36 14.44
N THR B 91 -7.31 -32.14 13.61
CA THR B 91 -7.83 -33.41 13.02
C THR B 91 -6.91 -34.59 13.34
N LEU B 92 -5.59 -34.44 13.14
CA LEU B 92 -4.60 -35.54 13.33
C LEU B 92 -4.44 -35.86 14.83
N LEU B 129 -9.65 -35.66 -9.39
CA LEU B 129 -9.71 -34.37 -8.65
C LEU B 129 -11.02 -33.62 -8.98
N SER B 130 -12.06 -34.35 -9.40
CA SER B 130 -13.35 -33.81 -9.90
C SER B 130 -14.39 -33.77 -8.77
N PHE B 131 -14.05 -34.32 -7.59
CA PHE B 131 -14.90 -34.36 -6.38
C PHE B 131 -15.07 -32.95 -5.80
N LEU B 132 -14.17 -32.03 -6.12
CA LEU B 132 -14.17 -30.61 -5.65
C LEU B 132 -15.14 -29.77 -6.50
N ASN B 133 -15.46 -30.23 -7.71
CA ASN B 133 -16.07 -29.42 -8.81
C ASN B 133 -17.44 -28.85 -8.38
N ARG B 134 -18.15 -29.50 -7.45
CA ARG B 134 -19.47 -29.04 -6.94
C ARG B 134 -19.50 -29.15 -5.41
N GLN B 135 -18.46 -28.67 -4.72
CA GLN B 135 -18.30 -28.77 -3.25
C GLN B 135 -18.26 -27.38 -2.61
N GLY B 136 -17.46 -26.46 -3.17
CA GLY B 136 -17.06 -25.19 -2.53
C GLY B 136 -15.71 -25.36 -1.84
N LEU B 137 -14.65 -24.90 -2.49
CA LEU B 137 -13.23 -25.30 -2.21
C LEU B 137 -12.81 -24.98 -0.78
N THR B 138 -13.41 -23.96 -0.15
CA THR B 138 -13.04 -23.47 1.20
C THR B 138 -14.20 -23.67 2.19
N LYS B 139 -15.17 -24.53 1.84
CA LYS B 139 -16.28 -24.94 2.74
C LYS B 139 -15.77 -26.07 3.64
N LEU B 140 -15.46 -25.75 4.90
CA LEU B 140 -14.98 -26.70 5.95
C LEU B 140 -15.88 -26.57 7.17
N ASP B 141 -17.16 -26.93 7.02
CA ASP B 141 -18.25 -26.77 8.02
C ASP B 141 -18.27 -27.97 8.97
N ASP B 142 -17.66 -29.10 8.56
CA ASP B 142 -17.71 -30.39 9.30
C ASP B 142 -16.33 -31.05 9.23
N LEU B 143 -15.45 -30.74 10.20
CA LEU B 143 -14.10 -31.34 10.34
C LEU B 143 -14.20 -32.54 11.30
N ARG B 144 -13.59 -33.67 10.93
CA ARG B 144 -13.60 -34.94 11.70
C ARG B 144 -12.17 -35.34 12.03
N GLN B 145 -11.97 -35.95 13.21
CA GLN B 145 -10.65 -36.44 13.69
C GLN B 145 -10.29 -37.68 12.87
N VAL B 146 -9.03 -37.81 12.46
CA VAL B 146 -8.50 -38.98 11.68
C VAL B 146 -7.22 -39.47 12.37
N GLU B 147 -7.04 -40.79 12.43
CA GLU B 147 -5.90 -41.47 13.11
C GLU B 147 -4.69 -41.39 12.17
N ALA B 148 -3.71 -40.54 12.49
CA ALA B 148 -2.55 -40.22 11.63
C ALA B 148 -1.44 -41.26 11.81
N LYS B 149 -0.57 -41.39 10.80
CA LYS B 149 0.60 -42.30 10.77
C LYS B 149 1.89 -41.48 10.71
N TYR B 150 3.05 -42.14 10.57
CA TYR B 150 4.39 -41.51 10.49
C TYR B 150 4.39 -40.41 9.42
N PRO B 151 4.01 -40.71 8.15
CA PRO B 151 4.10 -39.71 7.08
C PRO B 151 3.27 -38.44 7.35
N ALA B 152 2.10 -38.60 7.99
CA ALA B 152 1.14 -37.50 8.28
C ALA B 152 1.64 -36.64 9.44
N LEU B 153 2.08 -37.27 10.53
CA LEU B 153 2.60 -36.56 11.74
C LEU B 153 3.96 -35.92 11.42
N LEU B 154 4.76 -36.55 10.56
CA LEU B 154 6.07 -36.02 10.07
C LEU B 154 5.82 -34.78 9.20
N PHE B 155 4.86 -34.87 8.28
CA PHE B 155 4.44 -33.77 7.36
C PHE B 155 4.01 -32.55 8.18
N LYS B 156 3.19 -32.78 9.22
CA LYS B 156 2.71 -31.73 10.16
C LYS B 156 3.90 -31.03 10.80
N GLN B 157 4.93 -31.80 11.20
CA GLN B 157 6.19 -31.29 11.81
C GLN B 157 7.00 -30.54 10.75
N GLN B 158 7.16 -31.11 9.55
CA GLN B 158 7.89 -30.50 8.41
C GLN B 158 7.23 -29.18 8.00
N LEU B 159 5.89 -29.15 7.94
CA LEU B 159 5.10 -27.95 7.56
C LEU B 159 5.28 -26.85 8.61
N THR B 160 5.24 -27.21 9.89
CA THR B 160 5.49 -26.30 11.04
C THR B 160 6.85 -25.60 10.86
N ALA B 161 7.89 -26.39 10.55
CA ALA B 161 9.29 -25.92 10.36
C ALA B 161 9.34 -24.84 9.27
N PHE B 162 8.52 -24.99 8.22
CA PHE B 162 8.50 -24.10 7.03
C PHE B 162 7.68 -22.83 7.33
N LEU B 163 6.54 -22.95 8.02
CA LEU B 163 5.75 -21.78 8.50
C LEU B 163 6.67 -20.88 9.33
N GLU B 164 7.47 -21.47 10.22
CA GLU B 164 8.45 -20.76 11.08
C GLU B 164 9.45 -20.01 10.19
N LYS B 165 10.10 -20.74 9.26
CA LYS B 165 11.13 -20.21 8.33
C LYS B 165 10.53 -19.07 7.49
N ILE B 166 9.34 -19.30 6.91
CA ILE B 166 8.60 -18.33 6.05
C ILE B 166 8.38 -17.03 6.85
N TYR B 167 7.80 -17.14 8.05
CA TYR B 167 7.60 -16.02 9.01
C TYR B 167 8.94 -15.32 9.27
N GLY B 168 9.99 -16.11 9.50
CA GLY B 168 11.36 -15.63 9.76
C GLY B 168 11.92 -14.82 8.59
N MET B 169 11.67 -15.26 7.36
CA MET B 169 12.15 -14.61 6.11
C MET B 169 11.42 -13.29 5.89
N ILE B 170 10.09 -13.24 6.11
CA ILE B 170 9.26 -12.02 5.95
C ILE B 170 9.76 -10.95 6.94
N ARG B 171 9.83 -11.30 8.23
CA ARG B 171 10.34 -10.45 9.32
C ARG B 171 11.74 -9.93 8.95
N ASP B 172 12.67 -10.85 8.66
CA ASP B 172 14.09 -10.54 8.37
C ASP B 172 14.20 -9.66 7.11
N ASN B 173 13.28 -9.83 6.15
CA ASN B 173 13.22 -8.99 4.92
C ASN B 173 12.83 -7.56 5.29
N LEU B 174 11.91 -7.39 6.23
CA LEU B 174 11.45 -6.06 6.73
C LEU B 174 12.55 -5.45 7.62
N LYS B 175 13.19 -6.28 8.45
CA LYS B 175 14.36 -5.88 9.29
C LYS B 175 15.45 -5.25 8.41
N LYS B 176 15.76 -5.89 7.27
CA LYS B 176 16.84 -5.49 6.34
C LYS B 176 16.44 -4.21 5.59
N GLU B 177 15.15 -4.02 5.31
CA GLU B 177 14.63 -2.83 4.58
C GLU B 177 14.80 -1.57 5.45
N ILE B 178 14.47 -1.65 6.75
CA ILE B 178 14.41 -0.48 7.68
C ILE B 178 15.76 -0.29 8.38
N SER B 179 16.67 -1.27 8.30
CA SER B 179 18.00 -1.26 8.97
C SER B 179 18.77 -0.01 8.58
N PRO B 180 18.91 0.31 7.27
CA PRO B 180 19.59 1.54 6.84
C PRO B 180 18.86 2.83 7.26
N LEU B 181 17.52 2.82 7.21
CA LEU B 181 16.68 4.00 7.60
C LEU B 181 16.96 4.34 9.07
N LEU B 182 17.04 3.34 9.95
CA LEU B 182 17.41 3.50 11.38
C LEU B 182 18.84 4.02 11.46
N GLY B 183 19.75 3.48 10.62
CA GLY B 183 21.13 3.97 10.45
C GLY B 183 21.17 5.48 10.26
N LEU B 184 20.40 6.00 9.30
CA LEU B 184 20.35 7.45 8.93
C LEU B 184 19.68 8.25 10.07
N CYS B 185 18.77 7.64 10.83
CA CYS B 185 18.11 8.25 12.02
C CYS B 185 19.12 8.39 13.16
N ILE B 186 19.91 7.35 13.42
CA ILE B 186 20.93 7.28 14.51
C ILE B 186 22.07 8.27 14.20
N GLN B 187 22.29 8.59 12.93
CA GLN B 187 23.39 9.50 12.47
C GLN B 187 22.87 10.93 12.30
N ALA B 188 21.61 11.21 12.69
CA ALA B 188 20.96 12.53 12.56
C ALA B 188 21.73 13.61 13.32
N PRO B 189 22.23 13.34 14.54
CA PRO B 189 23.06 14.31 15.27
C PRO B 189 24.35 14.68 14.53
N ARG B 190 25.02 13.68 13.93
CA ARG B 190 26.27 13.86 13.12
C ARG B 190 25.95 14.62 11.83
N THR B 191 24.78 14.37 11.23
CA THR B 191 24.33 15.01 9.96
C THR B 191 23.98 16.49 10.22
N SER B 192 23.42 16.79 11.41
CA SER B 192 23.13 18.17 11.89
C SER B 192 24.44 18.90 12.22
N ARG B 193 25.45 18.15 12.70
CA ARG B 193 26.79 18.64 13.13
C ARG B 193 26.71 20.11 13.56
N ASN B 204 19.16 24.61 11.28
CA ASN B 204 18.71 24.45 9.87
C ASN B 204 17.44 23.59 9.85
N ALA B 205 16.26 24.24 9.75
CA ALA B 205 14.92 23.62 9.88
C ALA B 205 14.70 22.61 8.75
N VAL B 206 15.20 22.89 7.55
CA VAL B 206 15.08 22.01 6.34
C VAL B 206 15.89 20.74 6.57
N ALA B 207 17.16 20.88 6.97
CA ALA B 207 18.11 19.77 7.21
C ALA B 207 17.52 18.77 8.21
N GLN B 208 16.82 19.27 9.25
CA GLN B 208 16.15 18.45 10.29
C GLN B 208 14.92 17.75 9.70
N GLN B 209 14.08 18.48 8.97
CA GLN B 209 12.83 17.96 8.34
C GLN B 209 13.18 16.84 7.36
N ALA B 210 14.33 16.92 6.69
CA ALA B 210 14.87 15.88 5.79
C ALA B 210 15.21 14.61 6.58
N LEU B 211 15.63 14.77 7.85
CA LEU B 211 15.98 13.65 8.76
C LEU B 211 14.70 13.03 9.35
N ILE B 212 13.68 13.85 9.63
CA ILE B 212 12.31 13.40 10.06
C ILE B 212 11.72 12.49 8.98
N ALA B 213 11.99 12.76 7.70
CA ALA B 213 11.48 11.99 6.54
C ALA B 213 11.89 10.52 6.64
N HIS B 214 13.04 10.22 7.26
CA HIS B 214 13.56 8.84 7.44
C HIS B 214 12.59 8.01 8.30
N TRP B 215 11.97 8.64 9.30
CA TRP B 215 10.93 8.01 10.16
C TRP B 215 9.70 7.68 9.32
N GLN B 216 9.36 8.56 8.37
CA GLN B 216 8.17 8.41 7.48
C GLN B 216 8.43 7.30 6.46
N SER B 217 9.69 7.15 6.02
CA SER B 217 10.15 6.03 5.15
C SER B 217 9.97 4.69 5.87
N ILE B 218 10.28 4.65 7.17
CA ILE B 218 10.07 3.46 8.05
C ILE B 218 8.56 3.14 8.10
N ARG B 219 7.72 4.16 8.32
CA ARG B 219 6.24 4.02 8.46
C ARG B 219 5.64 3.50 7.14
N LYS B 220 6.24 3.83 5.99
CA LYS B 220 5.78 3.36 4.66
C LYS B 220 6.12 1.86 4.50
N SER B 221 7.35 1.47 4.88
CA SER B 221 7.83 0.06 4.85
C SER B 221 6.87 -0.82 5.66
N LEU B 222 6.58 -0.42 6.90
CA LEU B 222 5.68 -1.16 7.83
C LEU B 222 4.32 -1.39 7.15
N ASN B 223 3.79 -0.35 6.50
CA ASN B 223 2.46 -0.40 5.81
C ASN B 223 2.55 -1.32 4.58
N SER B 224 3.62 -1.23 3.78
CA SER B 224 3.81 -2.06 2.56
C SER B 224 3.79 -3.55 2.94
N TYR B 225 4.43 -3.92 4.05
CA TYR B 225 4.45 -5.31 4.59
C TYR B 225 3.11 -5.64 5.25
N LEU B 226 2.48 -4.70 5.94
CA LEU B 226 1.16 -4.89 6.60
C LEU B 226 0.09 -5.17 5.53
N ASN B 227 0.04 -4.34 4.49
CA ASN B 227 -1.02 -4.39 3.44
C ASN B 227 -0.82 -5.65 2.58
N LEU B 228 0.44 -6.06 2.35
CA LEU B 228 0.80 -7.29 1.60
C LEU B 228 0.23 -8.51 2.33
N MET B 229 0.39 -8.56 3.65
CA MET B 229 -0.05 -9.70 4.50
C MET B 229 -1.57 -9.64 4.70
N LYS B 230 -2.15 -8.44 4.76
CA LYS B 230 -3.63 -8.24 4.85
C LYS B 230 -4.28 -8.70 3.53
N ALA B 231 -3.64 -8.40 2.40
CA ALA B 231 -4.07 -8.80 1.03
C ALA B 231 -4.06 -10.33 0.89
N ASN B 232 -3.15 -11.00 1.59
CA ASN B 232 -2.99 -12.49 1.59
C ASN B 232 -3.81 -13.11 2.74
N ASN B 233 -4.64 -12.31 3.41
CA ASN B 233 -5.53 -12.77 4.52
C ASN B 233 -4.71 -13.53 5.56
N ALA B 234 -3.48 -13.09 5.82
CA ALA B 234 -2.57 -13.68 6.84
C ALA B 234 -3.22 -13.53 8.20
N PRO B 235 -3.22 -14.59 9.04
CA PRO B 235 -3.95 -14.56 10.32
C PRO B 235 -3.41 -13.44 11.22
N PRO B 236 -4.28 -12.52 11.71
CA PRO B 236 -3.84 -11.38 12.51
C PRO B 236 -2.75 -11.68 13.55
N PHE B 237 -2.84 -12.85 14.19
CA PHE B 237 -1.88 -13.33 15.21
C PHE B 237 -0.44 -13.26 14.67
N LEU B 238 -0.18 -13.90 13.54
CA LEU B 238 1.18 -13.99 12.93
C LEU B 238 1.66 -12.60 12.51
N VAL B 239 0.74 -11.69 12.17
CA VAL B 239 1.07 -10.27 11.82
C VAL B 239 1.53 -9.55 13.09
N ARG B 240 0.74 -9.62 14.17
CA ARG B 240 1.05 -9.01 15.48
C ARG B 240 2.46 -9.44 15.94
N LYS B 241 2.82 -10.70 15.70
CA LYS B 241 4.15 -11.27 16.08
C LYS B 241 5.24 -10.61 15.24
N VAL B 242 5.06 -10.54 13.91
CA VAL B 242 6.02 -9.92 12.95
C VAL B 242 6.39 -8.52 13.47
N PHE B 243 5.39 -7.67 13.72
CA PHE B 243 5.57 -6.22 14.00
C PHE B 243 6.09 -6.02 15.42
N THR B 244 5.70 -6.89 16.37
CA THR B 244 6.22 -6.92 17.76
C THR B 244 7.74 -7.12 17.72
N GLN B 245 8.21 -8.13 16.98
CA GLN B 245 9.65 -8.46 16.83
C GLN B 245 10.38 -7.35 16.05
N ILE B 246 9.69 -6.66 15.14
CA ILE B 246 10.26 -5.54 14.35
C ILE B 246 10.42 -4.32 15.26
N PHE B 247 9.40 -4.00 16.07
CA PHE B 247 9.42 -2.88 17.04
C PHE B 247 10.43 -3.16 18.16
N SER B 248 10.62 -4.43 18.52
CA SER B 248 11.70 -4.90 19.41
C SER B 248 13.05 -4.50 18.81
N PHE B 249 13.28 -4.82 17.53
CA PHE B 249 14.51 -4.49 16.76
C PHE B 249 14.71 -2.97 16.74
N ILE B 250 13.69 -2.21 16.34
CA ILE B 250 13.72 -0.72 16.33
C ILE B 250 14.19 -0.25 17.72
N ASN B 251 13.47 -0.68 18.77
CA ASN B 251 13.76 -0.35 20.19
C ASN B 251 15.23 -0.62 20.51
N VAL B 252 15.68 -1.86 20.32
CA VAL B 252 17.09 -2.31 20.58
C VAL B 252 18.06 -1.30 19.94
N GLN B 253 17.92 -1.04 18.64
CA GLN B 253 18.89 -0.26 17.84
C GLN B 253 18.96 1.19 18.34
N LEU B 254 17.81 1.84 18.51
CA LEU B 254 17.71 3.26 18.93
C LEU B 254 18.26 3.43 20.35
N PHE B 255 17.93 2.52 21.26
CA PHE B 255 18.32 2.59 22.70
C PHE B 255 19.84 2.40 22.85
N ASN B 256 20.38 1.34 22.24
CA ASN B 256 21.83 1.01 22.28
C ASN B 256 22.65 2.21 21.79
N SER B 257 22.12 2.99 20.85
CA SER B 257 22.76 4.22 20.31
C SER B 257 22.97 5.24 21.44
N LEU B 258 21.96 5.47 22.27
CA LEU B 258 22.00 6.48 23.38
C LEU B 258 23.15 6.15 24.35
N LEU B 259 23.45 4.86 24.53
CA LEU B 259 24.51 4.37 25.45
C LEU B 259 25.87 4.42 24.75
N LEU B 260 25.93 3.92 23.51
CA LEU B 260 27.18 3.80 22.71
C LEU B 260 27.66 5.18 22.23
N ARG B 261 26.72 6.06 21.86
CA ARG B 261 27.01 7.37 21.19
C ARG B 261 26.61 8.53 22.10
N ARG B 262 27.60 9.33 22.51
CA ARG B 262 27.43 10.57 23.33
C ARG B 262 26.59 11.58 22.53
N GLU B 263 26.89 11.72 21.24
CA GLU B 263 26.23 12.66 20.28
C GLU B 263 24.70 12.42 20.23
N CYS B 264 24.26 11.18 20.50
CA CYS B 264 22.83 10.77 20.50
C CYS B 264 22.19 11.05 21.87
N CYS B 265 22.99 11.48 22.84
CA CYS B 265 22.59 11.59 24.28
C CYS B 265 22.31 13.06 24.62
N SER B 266 21.61 13.78 23.74
CA SER B 266 21.35 15.24 23.84
C SER B 266 19.83 15.50 23.93
N PHE B 267 19.44 16.69 24.41
CA PHE B 267 18.04 17.17 24.48
C PHE B 267 17.46 17.24 23.06
N SER B 268 18.23 17.81 22.13
CA SER B 268 17.85 18.00 20.70
C SER B 268 17.59 16.65 20.04
N ASN B 269 18.51 15.67 20.20
CA ASN B 269 18.32 14.29 19.69
C ASN B 269 17.12 13.67 20.41
N GLY B 270 16.92 14.01 21.69
CA GLY B 270 15.69 13.69 22.45
C GLY B 270 14.46 14.06 21.63
N GLU B 271 14.35 15.34 21.25
CA GLU B 271 13.20 15.91 20.49
C GLU B 271 13.05 15.17 19.15
N TYR B 272 14.17 14.90 18.47
CA TYR B 272 14.22 14.27 17.12
C TYR B 272 13.60 12.87 17.17
N VAL B 273 14.04 12.05 18.13
CA VAL B 273 13.61 10.63 18.27
C VAL B 273 12.18 10.60 18.83
N LYS B 274 11.79 11.63 19.59
CA LYS B 274 10.40 11.77 20.13
C LYS B 274 9.42 11.94 18.97
N ALA B 275 9.81 12.73 17.96
CA ALA B 275 9.03 12.96 16.72
C ALA B 275 8.97 11.66 15.90
N GLY B 276 10.08 10.91 15.87
CA GLY B 276 10.15 9.59 15.22
C GLY B 276 9.21 8.58 15.87
N LEU B 277 9.15 8.58 17.20
CA LEU B 277 8.27 7.66 18.00
C LEU B 277 6.80 8.00 17.73
N ALA B 278 6.48 9.29 17.60
CA ALA B 278 5.12 9.79 17.25
C ALA B 278 4.65 9.19 15.92
N GLU B 279 5.55 9.07 14.94
CA GLU B 279 5.28 8.43 13.63
C GLU B 279 4.94 6.95 13.84
N LEU B 280 5.79 6.22 14.58
CA LEU B 280 5.62 4.77 14.86
C LEU B 280 4.39 4.53 15.74
N GLU B 281 4.06 5.47 16.64
CA GLU B 281 2.81 5.40 17.46
C GLU B 281 1.60 5.52 16.52
N GLN B 282 1.63 6.49 15.60
CA GLN B 282 0.53 6.77 14.63
C GLN B 282 0.32 5.56 13.71
N TRP B 283 1.39 4.83 13.37
CA TRP B 283 1.29 3.57 12.58
C TRP B 283 0.52 2.51 13.39
N CYS B 284 0.85 2.36 14.68
CA CYS B 284 0.26 1.37 15.60
C CYS B 284 -1.25 1.61 15.73
N ILE B 285 -1.66 2.88 15.78
CA ILE B 285 -3.09 3.30 15.95
C ILE B 285 -3.86 2.97 14.66
N GLU B 286 -3.28 3.36 13.51
CA GLU B 286 -3.88 3.15 12.16
C GLU B 286 -3.98 1.65 11.84
N ALA B 287 -2.97 0.87 12.22
CA ALA B 287 -2.92 -0.60 12.02
C ALA B 287 -3.95 -1.28 12.93
N THR B 288 -4.23 -0.69 14.10
CA THR B 288 -5.17 -1.16 15.15
C THR B 288 -4.54 -2.34 15.91
N ASP B 289 -5.07 -2.64 17.10
CA ASP B 289 -4.57 -3.71 18.01
C ASP B 289 -4.55 -5.06 17.29
N GLU B 290 -5.50 -5.30 16.38
CA GLU B 290 -5.67 -6.57 15.63
C GLU B 290 -4.36 -6.95 14.92
N TYR B 291 -3.64 -5.97 14.36
CA TYR B 291 -2.44 -6.19 13.49
C TYR B 291 -1.16 -5.65 14.14
N ALA B 292 -1.22 -4.49 14.82
CA ALA B 292 -0.08 -3.89 15.55
C ALA B 292 0.17 -4.70 16.83
N GLY B 293 -0.89 -4.95 17.61
CA GLY B 293 -0.83 -5.71 18.87
C GLY B 293 -0.19 -4.91 19.98
N SER B 294 0.94 -5.38 20.51
CA SER B 294 1.69 -4.78 21.65
C SER B 294 2.96 -4.08 21.15
N ALA B 295 3.09 -3.87 19.84
CA ALA B 295 4.29 -3.34 19.16
C ALA B 295 4.73 -2.03 19.82
N TRP B 296 3.79 -1.16 20.16
CA TRP B 296 4.05 0.17 20.80
C TRP B 296 4.82 -0.04 22.11
N ASP B 297 4.39 -1.00 22.94
CA ASP B 297 4.97 -1.27 24.28
C ASP B 297 6.35 -1.94 24.17
N GLU B 298 6.75 -2.41 22.98
CA GLU B 298 8.11 -2.96 22.73
C GLU B 298 9.14 -1.83 22.69
N LEU B 299 8.71 -0.56 22.57
CA LEU B 299 9.58 0.64 22.50
C LEU B 299 9.76 1.26 23.90
N ARG B 300 9.25 0.61 24.95
CA ARG B 300 9.31 1.06 26.37
C ARG B 300 10.68 1.69 26.67
N HIS B 301 11.78 1.00 26.32
CA HIS B 301 13.18 1.41 26.64
C HIS B 301 13.47 2.79 26.03
N ILE B 302 13.44 2.90 24.71
CA ILE B 302 13.78 4.16 23.96
C ILE B 302 12.75 5.25 24.28
N ARG B 303 11.48 4.88 24.42
CA ARG B 303 10.38 5.83 24.79
C ARG B 303 10.74 6.53 26.09
N GLN B 304 11.06 5.76 27.13
CA GLN B 304 11.35 6.26 28.50
C GLN B 304 12.68 7.03 28.51
N ALA B 305 13.68 6.55 27.76
CA ALA B 305 15.00 7.20 27.60
C ALA B 305 14.86 8.55 26.91
N VAL B 306 14.09 8.61 25.81
CA VAL B 306 13.74 9.87 25.10
C VAL B 306 12.97 10.78 26.05
N GLY B 307 11.97 10.21 26.76
CA GLY B 307 11.17 10.92 27.78
C GLY B 307 12.06 11.59 28.82
N PHE B 308 13.18 10.95 29.17
CA PHE B 308 14.20 11.48 30.12
C PHE B 308 14.92 12.67 29.47
N LEU B 309 15.48 12.47 28.27
CA LEU B 309 16.34 13.46 27.56
C LEU B 309 15.60 14.79 27.39
N VAL B 310 14.27 14.78 27.22
CA VAL B 310 13.46 16.01 26.94
C VAL B 310 12.81 16.53 28.23
N ILE B 311 13.18 16.01 29.39
CA ILE B 311 12.86 16.62 30.73
C ILE B 311 13.78 17.83 30.91
N HIS B 312 13.22 19.02 31.10
CA HIS B 312 14.00 20.30 31.16
C HIS B 312 14.81 20.35 32.46
N GLN B 313 14.13 20.23 33.61
CA GLN B 313 14.71 20.46 34.96
C GLN B 313 15.17 19.14 35.57
N LYS B 314 16.23 18.54 35.02
CA LYS B 314 16.84 17.26 35.48
C LYS B 314 17.44 17.42 36.88
N PRO B 315 18.09 18.56 37.23
CA PRO B 315 18.61 18.76 38.58
C PRO B 315 17.55 18.70 39.70
N LYS B 316 16.28 18.95 39.37
CA LYS B 316 15.14 18.95 40.32
C LYS B 316 14.56 17.54 40.47
N LYS B 317 14.92 16.61 39.57
CA LYS B 317 14.42 15.21 39.57
C LYS B 317 15.09 14.44 40.72
N THR B 318 14.29 13.77 41.56
CA THR B 318 14.74 12.83 42.61
C THR B 318 15.04 11.47 41.97
N LEU B 319 15.77 10.60 42.67
CA LEU B 319 16.17 9.26 42.16
C LEU B 319 14.93 8.41 41.84
N ASP B 320 13.90 8.47 42.70
CA ASP B 320 12.66 7.67 42.57
C ASP B 320 11.85 8.13 41.36
N GLU B 321 11.88 9.42 41.02
CA GLU B 321 11.26 9.97 39.78
C GLU B 321 11.92 9.29 38.57
N ILE B 322 13.25 9.29 38.51
CA ILE B 322 14.05 8.78 37.35
C ILE B 322 13.86 7.26 37.25
N THR B 323 14.02 6.53 38.35
CA THR B 323 14.13 5.04 38.38
C THR B 323 12.75 4.37 38.29
N ARG B 324 11.70 5.01 38.84
CA ARG B 324 10.34 4.39 38.97
C ARG B 324 9.33 5.12 38.07
N GLU B 325 9.25 6.44 38.15
CA GLU B 325 8.23 7.27 37.46
C GLU B 325 8.56 7.38 35.96
N LEU B 326 9.74 7.90 35.62
CA LEU B 326 10.13 8.22 34.21
C LEU B 326 10.59 6.94 33.49
N CYS B 327 11.55 6.20 34.07
CA CYS B 327 12.27 5.09 33.38
C CYS B 327 12.23 3.82 34.22
N PRO B 328 11.03 3.26 34.54
CA PRO B 328 10.93 2.01 35.30
C PRO B 328 11.51 0.77 34.61
N VAL B 329 11.61 0.77 33.28
CA VAL B 329 12.08 -0.39 32.47
C VAL B 329 13.60 -0.36 32.36
N LEU B 330 14.22 0.81 32.56
CA LEU B 330 15.69 0.99 32.44
C LEU B 330 16.39 0.52 33.71
N SER B 331 17.56 -0.10 33.57
CA SER B 331 18.47 -0.49 34.67
C SER B 331 19.19 0.74 35.20
N ILE B 332 19.97 0.59 36.28
CA ILE B 332 20.76 1.69 36.92
C ILE B 332 21.98 1.96 36.03
N GLN B 333 22.54 0.92 35.40
CA GLN B 333 23.73 1.02 34.50
C GLN B 333 23.36 1.87 33.28
N GLN B 334 22.19 1.61 32.69
CA GLN B 334 21.63 2.37 31.54
C GLN B 334 21.40 3.81 31.95
N LEU B 335 20.64 4.03 33.03
CA LEU B 335 20.30 5.38 33.57
C LEU B 335 21.59 6.15 33.89
N TYR B 336 22.57 5.49 34.52
CA TYR B 336 23.88 6.08 34.89
C TYR B 336 24.62 6.53 33.63
N ARG B 337 24.63 5.69 32.59
CA ARG B 337 25.35 5.94 31.31
C ARG B 337 24.76 7.18 30.62
N ILE B 338 23.43 7.25 30.52
CA ILE B 338 22.69 8.36 29.85
C ILE B 338 22.87 9.64 30.67
N SER B 339 22.84 9.54 32.00
CA SER B 339 22.96 10.68 32.96
C SER B 339 24.34 11.34 32.86
N THR B 340 25.41 10.54 32.83
CA THR B 340 26.83 11.01 32.86
C THR B 340 27.28 11.46 31.48
N MET B 341 26.57 11.08 30.41
CA MET B 341 26.91 11.45 29.00
C MET B 341 26.01 12.61 28.53
N TYR B 342 24.91 12.89 29.23
CA TYR B 342 23.91 13.91 28.85
C TYR B 342 24.59 15.29 28.72
N TRP B 343 24.27 15.99 27.63
CA TRP B 343 24.75 17.37 27.33
C TRP B 343 23.65 18.10 26.53
N ASP B 344 23.80 19.41 26.35
CA ASP B 344 22.77 20.27 25.70
C ASP B 344 23.39 21.62 25.34
N ASP B 345 23.95 21.73 24.14
CA ASP B 345 24.51 22.98 23.57
C ASP B 345 23.39 23.85 22.99
N LYS B 346 22.16 23.31 22.90
CA LYS B 346 21.00 23.96 22.25
C LYS B 346 20.29 24.90 23.24
N TYR B 347 19.75 24.35 24.34
CA TYR B 347 18.98 25.08 25.37
C TYR B 347 19.83 25.35 26.62
N GLY B 348 21.00 24.72 26.73
CA GLY B 348 21.94 24.92 27.85
C GLY B 348 21.39 24.41 29.17
N THR B 349 20.67 23.27 29.14
CA THR B 349 20.13 22.57 30.35
C THR B 349 21.21 21.61 30.87
N HIS B 350 21.12 21.25 32.16
CA HIS B 350 22.08 20.35 32.85
C HIS B 350 21.46 18.96 33.04
N SER B 351 22.30 17.97 33.36
CA SER B 351 21.88 16.58 33.68
C SER B 351 21.33 16.52 35.10
N VAL B 352 21.16 15.30 35.63
CA VAL B 352 20.73 15.04 37.03
C VAL B 352 21.85 15.49 37.99
N SER B 353 21.48 15.82 39.23
CA SER B 353 22.40 16.30 40.30
C SER B 353 23.42 15.22 40.65
N SER B 354 24.60 15.62 41.13
CA SER B 354 25.68 14.72 41.62
C SER B 354 25.16 13.88 42.80
N ASP B 355 24.27 14.46 43.60
CA ASP B 355 23.51 13.81 44.70
C ASP B 355 22.83 12.53 44.16
N VAL B 356 22.17 12.64 43.00
CA VAL B 356 21.41 11.54 42.35
C VAL B 356 22.39 10.57 41.67
N ILE B 357 23.46 11.09 41.06
CA ILE B 357 24.51 10.28 40.36
C ILE B 357 25.29 9.46 41.39
N ALA B 358 25.47 10.00 42.61
CA ALA B 358 26.09 9.33 43.76
C ALA B 358 25.29 8.07 44.11
N ASN B 359 23.97 8.22 44.31
CA ASN B 359 23.01 7.12 44.63
C ASN B 359 23.11 6.02 43.58
N MET B 360 23.27 6.38 42.29
CA MET B 360 23.38 5.43 41.17
C MET B 360 24.71 4.68 41.26
N ARG B 361 25.79 5.37 41.62
CA ARG B 361 27.17 4.81 41.69
C ARG B 361 27.25 3.78 42.81
N VAL B 362 26.61 4.04 43.95
CA VAL B 362 26.57 3.10 45.12
C VAL B 362 25.64 1.93 44.79
N MET B 363 24.51 2.19 44.11
CA MET B 363 23.55 1.14 43.67
C MET B 363 24.24 0.15 42.72
N MET B 364 25.09 0.67 41.81
CA MET B 364 25.88 -0.14 40.85
C MET B 364 26.92 -1.00 41.59
N THR B 365 27.58 -0.43 42.61
CA THR B 365 28.62 -1.12 43.42
C THR B 365 27.98 -2.20 44.31
N GLU B 366 26.71 -2.02 44.69
CA GLU B 366 25.94 -2.99 45.53
C GLU B 366 25.28 -4.07 44.66
N ASP B 367 25.55 -4.07 43.34
CA ASP B 367 25.04 -5.09 42.38
C ASP B 367 26.14 -6.14 42.13
N SER B 368 26.93 -6.48 43.16
CA SER B 368 28.05 -7.45 43.10
C SER B 368 28.03 -8.36 44.34
N SER B 375 21.96 -5.22 33.88
CA SER B 375 21.60 -5.17 32.42
C SER B 375 22.10 -3.86 31.81
N PHE B 376 22.65 -3.92 30.59
CA PHE B 376 23.20 -2.74 29.88
C PHE B 376 22.69 -2.70 28.43
N LEU B 377 23.51 -3.08 27.45
CA LEU B 377 23.12 -3.18 26.02
C LEU B 377 21.97 -4.18 25.90
N LEU B 378 21.01 -3.91 25.01
CA LEU B 378 19.85 -4.80 24.73
C LEU B 378 20.23 -5.78 23.62
N ASP B 379 19.51 -6.91 23.57
CA ASP B 379 19.77 -8.06 22.65
C ASP B 379 18.53 -8.26 21.77
N ASP B 380 18.73 -8.37 20.46
CA ASP B 380 17.65 -8.52 19.46
C ASP B 380 17.06 -9.93 19.56
N ASP B 381 15.72 -10.01 19.64
CA ASP B 381 14.95 -11.28 19.72
C ASP B 381 14.73 -11.82 18.30
N SER B 382 15.51 -12.82 17.89
CA SER B 382 15.45 -13.49 16.56
C SER B 382 14.75 -14.85 16.67
N SER B 383 14.29 -15.22 17.87
CA SER B 383 13.56 -16.49 18.15
C SER B 383 12.16 -16.42 17.53
N ILE B 384 11.52 -17.58 17.34
CA ILE B 384 10.11 -17.72 16.85
C ILE B 384 9.20 -17.59 18.06
N PRO B 385 8.40 -16.50 18.18
CA PRO B 385 7.61 -16.25 19.38
C PRO B 385 6.20 -16.89 19.39
N PHE B 386 6.04 -18.04 18.76
CA PHE B 386 4.74 -18.77 18.67
C PHE B 386 4.97 -20.27 18.45
N THR B 387 3.95 -21.07 18.77
CA THR B 387 3.86 -22.53 18.51
C THR B 387 2.62 -22.80 17.64
N VAL B 388 2.44 -24.04 17.18
CA VAL B 388 1.32 -24.48 16.32
C VAL B 388 -0.01 -24.21 17.05
N GLU B 389 -0.02 -24.43 18.37
CA GLU B 389 -1.22 -24.31 19.24
C GLU B 389 -1.63 -22.83 19.36
N ASP B 390 -0.66 -21.94 19.60
CA ASP B 390 -0.89 -20.48 19.79
C ASP B 390 -1.65 -19.90 18.59
N ILE B 391 -1.38 -20.39 17.38
CA ILE B 391 -2.07 -19.98 16.12
C ILE B 391 -3.48 -20.57 16.13
N SER B 392 -3.61 -21.85 16.47
CA SER B 392 -4.90 -22.60 16.55
C SER B 392 -5.80 -21.97 17.62
N LYS B 393 -5.21 -21.52 18.72
CA LYS B 393 -5.92 -20.95 19.90
C LYS B 393 -6.43 -19.55 19.58
N SER B 394 -5.68 -18.77 18.80
CA SER B 394 -6.04 -17.38 18.37
C SER B 394 -7.25 -17.43 17.42
N MET B 395 -7.15 -18.24 16.37
CA MET B 395 -8.23 -18.44 15.36
C MET B 395 -9.26 -19.45 15.90
#